data_5U2N
#
_entry.id   5U2N
#
_cell.length_a   61.166
_cell.length_b   107.049
_cell.length_c   83.135
_cell.angle_alpha   90.000
_cell.angle_beta   96.770
_cell.angle_gamma   90.000
#
_symmetry.space_group_name_H-M   'P 1 21 1'
#
loop_
_entity.id
_entity.type
_entity.pdbx_description
1 polymer 'Nicotinamide phosphoribosyltransferase'
2 non-polymer 'SULFATE ION'
3 non-polymer N-{4-[1-(2-methylpropanoyl)piperidin-4-yl]phenyl}-2H-pyrrolo[3,4-c]pyridine-2-carboxamide
4 water water
#
_entity_poly.entity_id   1
_entity_poly.type   'polypeptide(L)'
_entity_poly.pdbx_seq_one_letter_code
;FNILLATDSYKVTHYKQYPPNTSKVYSYFECREKKTENSKLRKVKYEETVFYGLQYILNKYLKGKVVTKEKIQEAKDVYK
EHFQDDVFNEKGWNYILEKYDGHLPIEIKAVPEGFVIPRGNVLFTVENTDPECYWLTNWIETILVQSWYPITVATNSREQ
KKILAKYLLETSGNLDGLEYKLHDFGYRGVSSQETAGIGASAHLVNFKGTDTVAGLALIKKYYGTKDPVPGYSVPAAEHS
TITAWGKDHEKDAFEHIVTQFSSVPVSVVSDSYDIYNACEKIWGEDLRHLIVSRSTQAPLIIRPDSGNPLDTVLKVLEIL
GKKFPVTENSKGYKLLPPYLRVIQGDGVDINTLQEIVEGMKQKMWSIENIAFGSGGGLLQKLTRDLLNCSFKCSYVVTNG
LGINVFKDPVADPNKRSKKGRLSLHRTPAGNFVTLEEGKGDLEEYGQDLLHTVFKNGKVTKSYSFDEIRKNAQLNIE
;
_entity_poly.pdbx_strand_id   A,B
#
# COMPACT_ATOMS: atom_id res chain seq x y z
N PHE A 1 -2.64 -10.54 -16.92
CA PHE A 1 -2.15 -11.17 -15.68
C PHE A 1 -1.72 -12.62 -15.91
N ASN A 2 -0.54 -12.95 -15.42
CA ASN A 2 0.02 -14.29 -15.55
C ASN A 2 0.40 -14.84 -14.17
N ILE A 3 -0.40 -15.80 -13.69
CA ILE A 3 -0.23 -16.44 -12.38
C ILE A 3 1.16 -17.10 -12.21
N LEU A 4 1.82 -17.47 -13.34
CA LEU A 4 3.14 -18.09 -13.25
C LEU A 4 4.19 -17.06 -12.94
N LEU A 5 3.84 -15.77 -13.10
CA LEU A 5 4.74 -14.66 -12.80
C LEU A 5 4.22 -13.86 -11.59
N ALA A 6 3.31 -14.44 -10.80
CA ALA A 6 2.69 -13.75 -9.66
C ALA A 6 2.97 -14.44 -8.32
N THR A 7 4.23 -14.84 -8.15
CA THR A 7 4.70 -15.46 -6.91
C THR A 7 6.07 -14.89 -6.56
N ASP A 8 6.50 -15.08 -5.32
CA ASP A 8 7.85 -14.70 -4.92
C ASP A 8 8.78 -15.56 -5.77
N SER A 9 9.84 -14.97 -6.34
CA SER A 9 10.80 -15.74 -7.17
C SER A 9 11.22 -17.09 -6.57
N TYR A 10 11.56 -17.14 -5.27
CA TYR A 10 12.04 -18.41 -4.69
C TYR A 10 11.03 -19.57 -4.78
N LYS A 11 9.72 -19.29 -4.83
CA LYS A 11 8.68 -20.31 -4.96
C LYS A 11 8.80 -21.09 -6.30
N VAL A 12 9.43 -20.48 -7.30
CA VAL A 12 9.72 -21.14 -8.59
C VAL A 12 10.61 -22.38 -8.32
N THR A 13 11.46 -22.31 -7.28
CA THR A 13 12.44 -23.36 -6.96
C THR A 13 12.02 -24.40 -5.93
N HIS A 14 10.87 -24.18 -5.27
CA HIS A 14 10.43 -25.07 -4.22
C HIS A 14 10.00 -26.49 -4.61
N TYR A 15 9.53 -26.73 -5.85
CA TYR A 15 9.12 -28.09 -6.24
C TYR A 15 10.26 -29.12 -6.08
N LYS A 16 11.53 -28.66 -6.20
CA LYS A 16 12.77 -29.47 -6.07
C LYS A 16 13.19 -29.64 -4.61
N GLN A 17 12.49 -28.99 -3.67
CA GLN A 17 12.91 -28.91 -2.28
C GLN A 17 12.09 -29.73 -1.29
N TYR A 18 10.83 -29.96 -1.59
CA TYR A 18 9.91 -30.75 -0.80
C TYR A 18 10.44 -32.20 -0.77
N PRO A 19 10.07 -32.99 0.26
CA PRO A 19 10.55 -34.36 0.31
C PRO A 19 10.09 -35.16 -0.90
N PRO A 20 10.93 -36.02 -1.50
CA PRO A 20 10.42 -36.89 -2.59
C PRO A 20 9.20 -37.67 -2.12
N ASN A 21 8.30 -38.05 -3.05
CA ASN A 21 7.09 -38.83 -2.76
C ASN A 21 6.07 -38.09 -1.93
N THR A 22 6.06 -36.75 -2.03
CA THR A 22 5.08 -35.92 -1.33
C THR A 22 3.88 -35.75 -2.25
N SER A 23 2.68 -36.11 -1.77
CA SER A 23 1.45 -36.06 -2.57
C SER A 23 0.48 -34.96 -2.12
N LYS A 24 0.68 -34.42 -0.92
CA LYS A 24 -0.21 -33.41 -0.36
C LYS A 24 0.59 -32.38 0.42
N VAL A 25 0.32 -31.11 0.17
CA VAL A 25 0.88 -29.98 0.93
C VAL A 25 -0.37 -29.20 1.31
N TYR A 26 -0.61 -29.08 2.62
CA TYR A 26 -1.77 -28.43 3.20
C TYR A 26 -1.27 -27.24 4.07
N SER A 27 -1.80 -26.06 3.79
CA SER A 27 -1.37 -24.82 4.45
C SER A 27 -2.58 -24.04 4.93
N TYR A 28 -2.34 -23.11 5.87
CA TYR A 28 -3.43 -22.34 6.45
C TYR A 28 -2.99 -20.91 6.67
N PHE A 29 -3.99 -20.03 6.84
CA PHE A 29 -3.78 -18.62 7.11
C PHE A 29 -4.40 -18.27 8.46
N GLU A 30 -3.68 -17.51 9.27
CA GLU A 30 -4.21 -16.99 10.55
C GLU A 30 -3.67 -15.58 10.79
N CYS A 31 -4.28 -14.85 11.72
CA CYS A 31 -3.75 -13.55 12.16
C CYS A 31 -3.19 -13.94 13.52
N ARG A 32 -1.92 -14.31 13.55
CA ARG A 32 -1.25 -14.86 14.72
C ARG A 32 -1.40 -14.00 15.97
N GLU A 33 -1.62 -14.65 17.12
CA GLU A 33 -1.69 -13.97 18.42
C GLU A 33 -0.36 -13.32 18.76
N TYR A 46 -6.01 -5.24 19.03
CA TYR A 46 -6.71 -5.85 17.88
C TYR A 46 -6.97 -7.34 18.19
N GLU A 47 -7.83 -7.60 19.15
CA GLU A 47 -8.12 -8.96 19.63
C GLU A 47 -8.89 -9.83 18.65
N GLU A 48 -9.62 -9.21 17.72
CA GLU A 48 -10.44 -9.95 16.76
C GLU A 48 -10.34 -9.29 15.39
N THR A 49 -10.44 -10.09 14.33
CA THR A 49 -10.29 -9.56 12.99
C THR A 49 -11.50 -9.84 12.14
N VAL A 50 -11.75 -8.96 11.16
CA VAL A 50 -12.84 -9.09 10.21
C VAL A 50 -12.24 -9.85 9.02
N PHE A 51 -12.81 -11.02 8.68
CA PHE A 51 -12.30 -11.76 7.53
C PHE A 51 -12.95 -11.22 6.26
N TYR A 52 -12.17 -10.57 5.42
CA TYR A 52 -12.71 -9.96 4.21
C TYR A 52 -11.65 -9.87 3.12
N GLY A 53 -12.07 -10.09 1.86
CA GLY A 53 -11.25 -9.83 0.68
C GLY A 53 -10.86 -11.03 -0.12
N LEU A 54 -10.99 -12.24 0.46
CA LEU A 54 -10.60 -13.47 -0.26
C LEU A 54 -11.38 -13.63 -1.60
N GLN A 55 -12.69 -13.34 -1.59
CA GLN A 55 -13.57 -13.48 -2.77
C GLN A 55 -13.07 -12.68 -3.94
N TYR A 56 -12.58 -11.45 -3.69
CA TYR A 56 -11.97 -10.63 -4.72
C TYR A 56 -10.79 -11.38 -5.37
N ILE A 57 -9.88 -11.89 -4.54
CA ILE A 57 -8.67 -12.60 -5.01
C ILE A 57 -9.03 -13.84 -5.81
N LEU A 58 -9.97 -14.64 -5.30
CA LEU A 58 -10.42 -15.89 -5.98
C LEU A 58 -10.90 -15.61 -7.40
N ASN A 59 -11.78 -14.61 -7.55
CA ASN A 59 -12.38 -14.26 -8.83
C ASN A 59 -11.43 -13.60 -9.80
N LYS A 60 -10.66 -12.59 -9.33
CA LYS A 60 -9.76 -11.85 -10.18
C LYS A 60 -8.56 -12.65 -10.62
N TYR A 61 -8.00 -13.48 -9.73
CA TYR A 61 -6.73 -14.10 -10.06
C TYR A 61 -6.66 -15.62 -10.10
N LEU A 62 -7.53 -16.33 -9.39
CA LEU A 62 -7.33 -17.77 -9.30
C LEU A 62 -8.26 -18.64 -10.11
N LYS A 63 -9.49 -18.18 -10.36
CA LYS A 63 -10.51 -18.98 -11.04
C LYS A 63 -10.35 -19.13 -12.57
N GLY A 64 -10.95 -20.21 -13.09
CA GLY A 64 -10.97 -20.48 -14.53
C GLY A 64 -9.66 -20.92 -15.12
N LYS A 65 -9.51 -20.73 -16.43
CA LYS A 65 -8.30 -21.12 -17.13
C LYS A 65 -7.22 -20.07 -16.89
N VAL A 66 -6.31 -20.36 -15.97
CA VAL A 66 -5.24 -19.41 -15.60
C VAL A 66 -3.91 -19.81 -16.18
N VAL A 67 -3.86 -20.99 -16.80
CA VAL A 67 -2.64 -21.51 -17.44
C VAL A 67 -2.92 -21.65 -18.93
N THR A 68 -2.03 -21.11 -19.78
CA THR A 68 -2.06 -21.25 -21.26
C THR A 68 -0.65 -21.61 -21.71
N LYS A 69 -0.50 -22.16 -22.92
CA LYS A 69 0.81 -22.50 -23.46
C LYS A 69 1.67 -21.24 -23.58
N GLU A 70 1.03 -20.09 -23.90
CA GLU A 70 1.70 -18.81 -24.01
C GLU A 70 2.24 -18.32 -22.64
N LYS A 71 1.44 -18.47 -21.57
CA LYS A 71 1.84 -18.07 -20.20
C LYS A 71 3.02 -18.92 -19.72
N ILE A 72 2.99 -20.24 -20.00
CA ILE A 72 4.10 -21.14 -19.65
C ILE A 72 5.38 -20.68 -20.34
N GLN A 73 5.30 -20.41 -21.67
CA GLN A 73 6.47 -19.96 -22.43
C GLN A 73 7.03 -18.62 -21.93
N GLU A 74 6.14 -17.62 -21.63
CA GLU A 74 6.54 -16.32 -21.11
C GLU A 74 7.27 -16.50 -19.76
N ALA A 75 6.69 -17.32 -18.84
CA ALA A 75 7.30 -17.60 -17.53
C ALA A 75 8.69 -18.23 -17.70
N LYS A 76 8.79 -19.29 -18.51
CA LYS A 76 10.06 -19.98 -18.78
C LYS A 76 11.16 -19.00 -19.22
N ASP A 77 10.85 -18.07 -20.17
CA ASP A 77 11.76 -17.07 -20.72
C ASP A 77 12.24 -16.05 -19.68
N VAL A 78 11.30 -15.55 -18.85
CA VAL A 78 11.60 -14.59 -17.79
C VAL A 78 12.49 -15.25 -16.72
N TYR A 79 12.10 -16.43 -16.22
CA TYR A 79 12.87 -17.14 -15.17
C TYR A 79 14.28 -17.55 -15.62
N LYS A 80 14.44 -17.99 -16.88
CA LYS A 80 15.77 -18.32 -17.39
C LYS A 80 16.72 -17.09 -17.23
N GLU A 81 16.23 -15.86 -17.50
CA GLU A 81 17.06 -14.68 -17.37
C GLU A 81 17.15 -14.21 -15.91
N HIS A 82 16.02 -14.30 -15.17
CA HIS A 82 15.95 -13.82 -13.78
C HIS A 82 16.88 -14.64 -12.85
N PHE A 83 16.94 -15.97 -13.05
CA PHE A 83 17.82 -16.85 -12.27
C PHE A 83 19.16 -17.14 -12.95
N GLN A 84 19.31 -16.82 -14.25
CA GLN A 84 20.54 -17.17 -15.01
C GLN A 84 20.71 -18.71 -14.98
N ASP A 85 19.56 -19.43 -14.92
CA ASP A 85 19.44 -20.88 -14.78
C ASP A 85 18.05 -21.36 -15.20
N ASP A 86 17.92 -22.66 -15.53
CA ASP A 86 16.68 -23.23 -16.02
C ASP A 86 15.73 -23.79 -14.95
N VAL A 87 15.85 -23.33 -13.69
CA VAL A 87 14.95 -23.76 -12.62
C VAL A 87 13.60 -23.10 -12.89
N PHE A 88 12.62 -23.92 -13.28
CA PHE A 88 11.22 -23.60 -13.58
C PHE A 88 10.53 -24.89 -13.94
N ASN A 89 9.47 -25.23 -13.17
CA ASN A 89 8.69 -26.45 -13.31
C ASN A 89 7.77 -26.37 -14.55
N GLU A 90 8.35 -26.43 -15.74
CA GLU A 90 7.58 -26.44 -17.00
C GLU A 90 6.68 -27.69 -17.09
N LYS A 91 7.19 -28.88 -16.68
CA LYS A 91 6.40 -30.14 -16.68
C LYS A 91 5.18 -30.03 -15.79
N GLY A 92 5.37 -29.49 -14.59
CA GLY A 92 4.31 -29.32 -13.61
C GLY A 92 3.21 -28.40 -14.09
N TRP A 93 3.58 -27.26 -14.68
CA TRP A 93 2.59 -26.31 -15.22
C TRP A 93 1.91 -26.87 -16.49
N ASN A 94 2.66 -27.60 -17.35
CA ASN A 94 2.09 -28.22 -18.55
C ASN A 94 1.04 -29.25 -18.21
N TYR A 95 1.27 -29.99 -17.11
CA TYR A 95 0.36 -30.98 -16.57
C TYR A 95 -0.99 -30.37 -16.20
N ILE A 96 -1.00 -29.20 -15.53
CA ILE A 96 -2.26 -28.52 -15.19
C ILE A 96 -2.98 -28.10 -16.48
N LEU A 97 -2.23 -27.58 -17.44
CA LEU A 97 -2.76 -27.14 -18.73
C LEU A 97 -3.45 -28.32 -19.49
N GLU A 98 -2.77 -29.47 -19.60
CA GLU A 98 -3.28 -30.67 -20.29
C GLU A 98 -4.36 -31.44 -19.54
N LYS A 99 -4.17 -31.72 -18.24
CA LYS A 99 -5.12 -32.49 -17.46
C LYS A 99 -6.37 -31.72 -17.04
N TYR A 100 -6.21 -30.41 -16.73
CA TYR A 100 -7.29 -29.61 -16.18
C TYR A 100 -7.73 -28.40 -16.99
N ASP A 101 -7.27 -28.31 -18.25
CA ASP A 101 -7.56 -27.18 -19.14
C ASP A 101 -7.12 -25.85 -18.48
N GLY A 102 -5.98 -25.90 -17.78
CA GLY A 102 -5.40 -24.75 -17.10
C GLY A 102 -6.10 -24.27 -15.84
N HIS A 103 -7.02 -25.09 -15.26
CA HIS A 103 -7.75 -24.78 -14.01
C HIS A 103 -6.93 -25.35 -12.84
N LEU A 104 -6.76 -24.56 -11.75
CA LEU A 104 -5.97 -24.99 -10.60
C LEU A 104 -6.57 -26.13 -9.78
N PRO A 105 -5.84 -27.27 -9.65
CA PRO A 105 -6.33 -28.34 -8.77
C PRO A 105 -5.99 -28.06 -7.29
N ILE A 106 -6.76 -27.15 -6.72
CA ILE A 106 -6.61 -26.62 -5.37
C ILE A 106 -7.97 -26.57 -4.74
N GLU A 107 -8.05 -26.83 -3.44
CA GLU A 107 -9.28 -26.63 -2.69
C GLU A 107 -8.95 -25.64 -1.57
N ILE A 108 -9.79 -24.61 -1.45
CA ILE A 108 -9.67 -23.59 -0.41
C ILE A 108 -10.95 -23.59 0.39
N LYS A 109 -10.80 -23.71 1.73
CA LYS A 109 -11.91 -23.68 2.67
C LYS A 109 -11.68 -22.42 3.48
N ALA A 110 -12.75 -21.67 3.75
CA ALA A 110 -12.61 -20.39 4.45
C ALA A 110 -13.80 -20.10 5.34
N VAL A 111 -13.56 -19.29 6.40
CA VAL A 111 -14.61 -18.82 7.28
C VAL A 111 -15.47 -17.81 6.44
N PRO A 112 -16.79 -17.68 6.64
CA PRO A 112 -17.57 -16.75 5.79
C PRO A 112 -17.09 -15.30 5.88
N GLU A 113 -17.09 -14.58 4.75
CA GLU A 113 -16.62 -13.18 4.76
C GLU A 113 -17.49 -12.30 5.63
N GLY A 114 -16.83 -11.41 6.34
CA GLY A 114 -17.51 -10.53 7.29
C GLY A 114 -17.43 -11.08 8.70
N PHE A 115 -17.13 -12.41 8.85
CA PHE A 115 -17.00 -13.03 10.18
C PHE A 115 -15.90 -12.37 10.97
N VAL A 116 -16.19 -12.12 12.24
CA VAL A 116 -15.28 -11.48 13.20
C VAL A 116 -14.74 -12.59 14.12
N ILE A 117 -13.43 -12.89 13.99
CA ILE A 117 -12.81 -14.03 14.66
C ILE A 117 -11.64 -13.59 15.53
N PRO A 118 -11.53 -14.14 16.75
CA PRO A 118 -10.39 -13.79 17.59
C PRO A 118 -9.09 -14.19 16.91
N ARG A 119 -8.03 -13.50 17.30
CA ARG A 119 -6.75 -13.83 16.76
C ARG A 119 -6.24 -15.21 17.12
N GLY A 120 -5.41 -15.73 16.24
CA GLY A 120 -4.79 -17.04 16.44
C GLY A 120 -5.68 -18.19 16.01
N ASN A 121 -6.64 -17.91 15.12
CA ASN A 121 -7.54 -18.95 14.60
C ASN A 121 -7.35 -19.14 13.12
N VAL A 122 -7.52 -20.37 12.64
CA VAL A 122 -7.48 -20.62 11.21
C VAL A 122 -8.63 -19.81 10.52
N LEU A 123 -8.30 -19.10 9.45
CA LEU A 123 -9.29 -18.33 8.68
C LEU A 123 -9.55 -18.98 7.33
N PHE A 124 -8.52 -19.54 6.73
CA PHE A 124 -8.66 -20.34 5.52
C PHE A 124 -7.55 -21.39 5.43
N THR A 125 -7.81 -22.45 4.64
CA THR A 125 -6.83 -23.52 4.39
C THR A 125 -6.78 -23.73 2.88
N VAL A 126 -5.62 -24.19 2.40
CA VAL A 126 -5.35 -24.44 0.98
C VAL A 126 -4.68 -25.81 0.90
N GLU A 127 -5.11 -26.63 -0.05
CA GLU A 127 -4.47 -27.92 -0.35
C GLU A 127 -4.65 -28.27 -1.83
N ASN A 128 -3.72 -29.03 -2.39
CA ASN A 128 -3.80 -29.54 -3.77
C ASN A 128 -4.75 -30.76 -3.80
N THR A 129 -5.50 -30.92 -4.90
CA THR A 129 -6.48 -32.01 -5.05
C THR A 129 -5.95 -33.13 -5.94
N ASP A 130 -4.79 -32.90 -6.52
CA ASP A 130 -4.09 -33.87 -7.36
C ASP A 130 -2.68 -34.04 -6.79
N PRO A 131 -2.24 -35.30 -6.55
CA PRO A 131 -0.89 -35.53 -5.99
C PRO A 131 0.27 -34.93 -6.76
N GLU A 132 0.14 -34.80 -8.09
CA GLU A 132 1.21 -34.21 -8.92
C GLU A 132 1.41 -32.71 -8.61
N CYS A 133 0.40 -32.08 -8.04
CA CYS A 133 0.43 -30.66 -7.82
C CYS A 133 0.69 -30.29 -6.35
N TYR A 134 1.52 -31.09 -5.66
CA TYR A 134 1.89 -30.84 -4.25
C TYR A 134 2.55 -29.44 -4.11
N TRP A 135 3.28 -28.98 -5.15
CA TRP A 135 4.03 -27.71 -5.18
C TRP A 135 3.12 -26.47 -5.36
N LEU A 136 1.89 -26.68 -5.82
CA LEU A 136 0.98 -25.57 -6.13
C LEU A 136 0.40 -24.86 -4.90
N THR A 137 0.20 -25.60 -3.81
CA THR A 137 -0.39 -25.04 -2.57
C THR A 137 0.34 -23.76 -2.15
N ASN A 138 1.68 -23.83 -2.03
CA ASN A 138 2.45 -22.68 -1.58
C ASN A 138 2.88 -21.77 -2.72
N TRP A 139 2.71 -22.21 -4.00
CA TRP A 139 3.00 -21.33 -5.13
C TRP A 139 2.07 -20.10 -4.99
N ILE A 140 0.81 -20.35 -4.65
CA ILE A 140 -0.21 -19.28 -4.58
C ILE A 140 -0.26 -18.61 -3.18
N GLU A 141 0.72 -18.88 -2.30
CA GLU A 141 0.79 -18.23 -0.99
C GLU A 141 0.86 -16.71 -1.15
N THR A 142 1.75 -16.19 -2.02
CA THR A 142 1.99 -14.74 -2.18
C THR A 142 0.70 -13.99 -2.53
N ILE A 143 -0.06 -14.51 -3.50
CA ILE A 143 -1.32 -13.93 -3.94
C ILE A 143 -2.37 -13.99 -2.80
N LEU A 144 -2.49 -15.13 -2.11
CA LEU A 144 -3.49 -15.28 -1.06
C LEU A 144 -3.17 -14.47 0.18
N VAL A 145 -1.88 -14.39 0.56
CA VAL A 145 -1.42 -13.64 1.74
C VAL A 145 -1.71 -12.16 1.64
N GLN A 146 -1.88 -11.63 0.39
CA GLN A 146 -2.27 -10.24 0.16
C GLN A 146 -3.66 -9.95 0.71
N SER A 147 -4.40 -11.02 1.14
CA SER A 147 -5.66 -10.85 1.86
C SER A 147 -5.41 -10.13 3.18
N TRP A 148 -4.15 -10.06 3.68
CA TRP A 148 -3.82 -9.33 4.93
C TRP A 148 -4.35 -7.91 4.84
N TYR A 149 -4.25 -7.28 3.65
CA TYR A 149 -4.61 -5.87 3.46
C TYR A 149 -6.12 -5.58 3.68
N PRO A 150 -7.06 -6.18 2.93
CA PRO A 150 -8.48 -5.92 3.20
C PRO A 150 -8.88 -6.40 4.61
N ILE A 151 -8.29 -7.51 5.13
CA ILE A 151 -8.61 -7.93 6.51
C ILE A 151 -8.19 -6.79 7.48
N THR A 152 -6.96 -6.27 7.31
CA THR A 152 -6.44 -5.25 8.24
C THR A 152 -7.19 -3.94 8.12
N VAL A 153 -7.50 -3.49 6.89
CA VAL A 153 -8.26 -2.24 6.72
C VAL A 153 -9.64 -2.41 7.40
N ALA A 154 -10.32 -3.50 7.12
CA ALA A 154 -11.68 -3.73 7.67
C ALA A 154 -11.64 -3.82 9.20
N THR A 155 -10.61 -4.45 9.73
CA THR A 155 -10.47 -4.61 11.19
C THR A 155 -10.21 -3.26 11.86
N ASN A 156 -9.22 -2.54 11.34
CA ASN A 156 -8.85 -1.23 11.87
C ASN A 156 -10.02 -0.22 11.71
N SER A 157 -10.76 -0.29 10.58
CA SER A 157 -11.93 0.57 10.39
C SER A 157 -13.01 0.21 11.45
N ARG A 158 -13.20 -1.08 11.72
CA ARG A 158 -14.20 -1.53 12.68
C ARG A 158 -13.84 -1.10 14.11
N GLU A 159 -12.53 -1.15 14.47
CA GLU A 159 -12.05 -0.74 15.78
C GLU A 159 -12.33 0.74 15.99
N GLN A 160 -12.23 1.55 14.92
CA GLN A 160 -12.57 2.98 15.02
C GLN A 160 -14.07 3.14 15.21
N LYS A 161 -14.88 2.30 14.52
CA LYS A 161 -16.36 2.33 14.68
C LYS A 161 -16.73 2.04 16.14
N LYS A 162 -16.00 1.12 16.82
CA LYS A 162 -16.24 0.81 18.24
C LYS A 162 -16.04 2.06 19.10
N ILE A 163 -14.95 2.79 18.86
CA ILE A 163 -14.60 4.02 19.60
C ILE A 163 -15.70 5.05 19.38
N LEU A 164 -16.07 5.30 18.12
CA LEU A 164 -17.11 6.28 17.80
C LEU A 164 -18.44 5.90 18.42
N ALA A 165 -18.80 4.59 18.35
CA ALA A 165 -20.08 4.10 18.92
C ALA A 165 -20.13 4.34 20.43
N LYS A 166 -19.04 4.06 21.13
CA LYS A 166 -18.96 4.24 22.60
C LYS A 166 -19.19 5.72 23.00
N TYR A 167 -18.48 6.62 22.33
CA TYR A 167 -18.55 8.06 22.61
C TYR A 167 -19.84 8.69 22.11
N LEU A 168 -20.36 8.24 20.97
CA LEU A 168 -21.63 8.76 20.43
C LEU A 168 -22.76 8.32 21.37
N LEU A 169 -22.75 7.05 21.84
CA LEU A 169 -23.76 6.58 22.80
C LEU A 169 -23.67 7.34 24.13
N GLU A 170 -22.46 7.54 24.68
CA GLU A 170 -22.26 8.23 25.95
C GLU A 170 -22.69 9.70 25.90
N THR A 171 -22.35 10.40 24.81
CA THR A 171 -22.65 11.84 24.74
C THR A 171 -24.03 12.17 24.14
N SER A 172 -24.70 11.22 23.49
CA SER A 172 -25.99 11.53 22.83
C SER A 172 -27.15 10.57 23.16
N GLY A 173 -26.83 9.39 23.67
CA GLY A 173 -27.81 8.35 24.00
C GLY A 173 -28.24 7.46 22.86
N ASN A 174 -27.65 7.63 21.64
CA ASN A 174 -28.01 6.79 20.51
C ASN A 174 -26.82 6.71 19.53
N LEU A 175 -26.97 5.94 18.47
CA LEU A 175 -25.94 5.72 17.46
C LEU A 175 -26.32 6.37 16.12
N ASP A 176 -27.28 7.32 16.10
CA ASP A 176 -27.71 7.92 14.83
C ASP A 176 -26.52 8.56 14.09
N GLY A 177 -26.40 8.22 12.81
CA GLY A 177 -25.36 8.78 11.94
C GLY A 177 -24.00 8.12 12.08
N LEU A 178 -23.87 7.10 12.99
CA LEU A 178 -22.60 6.39 13.20
C LEU A 178 -21.93 5.93 11.92
N GLU A 179 -22.73 5.39 10.96
CA GLU A 179 -22.20 4.85 9.71
C GLU A 179 -21.61 5.88 8.73
N TYR A 180 -21.78 7.16 9.02
CA TYR A 180 -21.25 8.24 8.19
C TYR A 180 -20.18 9.05 8.91
N LYS A 181 -19.82 8.63 10.14
CA LYS A 181 -18.93 9.38 11.01
C LYS A 181 -17.43 9.26 10.69
N LEU A 182 -17.04 8.26 9.92
CA LEU A 182 -15.66 8.10 9.52
C LEU A 182 -15.63 7.95 8.00
N HIS A 183 -15.22 9.03 7.33
CA HIS A 183 -15.23 9.11 5.88
C HIS A 183 -13.83 8.82 5.31
N ASP A 184 -13.78 8.03 4.25
CA ASP A 184 -12.55 7.63 3.61
C ASP A 184 -12.07 8.77 2.70
N PHE A 185 -10.92 9.37 3.06
CA PHE A 185 -10.24 10.42 2.27
C PHE A 185 -8.90 9.88 1.66
N GLY A 186 -8.72 8.56 1.64
CA GLY A 186 -7.43 7.97 1.31
C GLY A 186 -7.04 7.71 -0.12
N TYR A 187 -7.83 8.15 -1.10
CA TYR A 187 -7.52 7.80 -2.49
C TYR A 187 -6.10 8.23 -2.91
N ARG A 188 -5.73 9.49 -2.67
CA ARG A 188 -4.41 9.97 -3.07
C ARG A 188 -3.22 9.39 -2.27
N GLY A 189 -3.48 9.02 -1.01
CA GLY A 189 -2.50 8.53 -0.05
C GLY A 189 -2.18 7.06 -0.12
N VAL A 190 -2.85 6.29 -1.00
CA VAL A 190 -2.53 4.86 -1.12
C VAL A 190 -1.48 4.65 -2.22
N SER A 191 -0.95 3.44 -2.26
CA SER A 191 0.14 3.13 -3.16
C SER A 191 -0.22 2.87 -4.63
N SER A 192 -1.50 2.60 -4.95
CA SER A 192 -1.91 2.30 -6.34
C SER A 192 -3.42 2.40 -6.50
N GLN A 193 -3.89 2.39 -7.76
CA GLN A 193 -5.33 2.34 -8.05
C GLN A 193 -5.95 1.03 -7.54
N GLU A 194 -5.25 -0.10 -7.68
CA GLU A 194 -5.80 -1.38 -7.20
C GLU A 194 -5.98 -1.34 -5.66
N THR A 195 -4.95 -0.88 -4.93
CA THR A 195 -5.02 -0.76 -3.46
C THR A 195 -6.17 0.15 -3.08
N ALA A 196 -6.35 1.27 -3.81
CA ALA A 196 -7.45 2.20 -3.53
C ALA A 196 -8.81 1.45 -3.49
N GLY A 197 -9.11 0.67 -4.52
CA GLY A 197 -10.36 -0.09 -4.58
C GLY A 197 -10.52 -1.14 -3.49
N ILE A 198 -9.49 -1.95 -3.27
CA ILE A 198 -9.53 -2.97 -2.20
C ILE A 198 -9.73 -2.33 -0.82
N GLY A 199 -8.88 -1.37 -0.50
CA GLY A 199 -8.91 -0.68 0.79
C GLY A 199 -10.22 0.05 0.99
N ALA A 200 -10.69 0.80 -0.03
CA ALA A 200 -11.96 1.52 0.12
C ALA A 200 -13.14 0.53 0.36
N SER A 201 -13.13 -0.62 -0.35
CA SER A 201 -14.19 -1.61 -0.17
C SER A 201 -14.19 -2.17 1.26
N ALA A 202 -12.99 -2.39 1.82
CA ALA A 202 -12.82 -2.90 3.19
C ALA A 202 -13.37 -1.93 4.24
N HIS A 203 -13.14 -0.61 4.06
CA HIS A 203 -13.70 0.39 4.96
C HIS A 203 -15.24 0.39 4.89
N LEU A 204 -15.80 0.18 3.68
CA LEU A 204 -17.28 0.15 3.45
C LEU A 204 -17.96 -1.06 4.09
N VAL A 205 -17.17 -2.02 4.59
CA VAL A 205 -17.75 -3.15 5.36
C VAL A 205 -18.38 -2.55 6.63
N ASN A 206 -17.79 -1.45 7.18
CA ASN A 206 -18.21 -0.85 8.45
C ASN A 206 -18.95 0.48 8.32
N PHE A 207 -18.61 1.25 7.31
CA PHE A 207 -19.19 2.58 7.15
C PHE A 207 -19.79 2.73 5.77
N LYS A 208 -20.50 3.85 5.55
CA LYS A 208 -21.15 4.15 4.28
C LYS A 208 -20.63 5.42 3.59
N GLY A 209 -19.64 6.09 4.20
CA GLY A 209 -19.10 7.30 3.62
C GLY A 209 -17.74 7.10 3.00
N THR A 210 -17.62 7.43 1.70
CA THR A 210 -16.33 7.35 1.00
C THR A 210 -16.17 8.39 -0.12
N ASP A 211 -14.91 8.86 -0.32
CA ASP A 211 -14.52 9.63 -1.47
C ASP A 211 -13.66 8.78 -2.38
N THR A 212 -13.35 7.54 -1.97
CA THR A 212 -12.49 6.68 -2.79
C THR A 212 -13.38 5.91 -3.73
N VAL A 213 -13.77 6.60 -4.81
CA VAL A 213 -14.72 6.08 -5.82
C VAL A 213 -14.39 4.65 -6.28
N ALA A 214 -13.09 4.32 -6.35
CA ALA A 214 -12.61 3.00 -6.75
C ALA A 214 -13.27 1.80 -6.01
N GLY A 215 -13.61 1.98 -4.74
CA GLY A 215 -14.23 0.93 -3.95
C GLY A 215 -15.62 0.52 -4.43
N LEU A 216 -16.37 1.47 -5.03
CA LEU A 216 -17.75 1.22 -5.53
C LEU A 216 -17.76 0.16 -6.64
N ALA A 217 -16.90 0.30 -7.65
CA ALA A 217 -16.81 -0.64 -8.78
C ALA A 217 -16.35 -2.02 -8.34
N LEU A 218 -15.40 -2.07 -7.39
CA LEU A 218 -14.94 -3.37 -6.88
C LEU A 218 -16.10 -4.10 -6.20
N ILE A 219 -16.86 -3.39 -5.34
CA ILE A 219 -17.96 -4.03 -4.62
C ILE A 219 -19.02 -4.51 -5.62
N LYS A 220 -19.38 -3.65 -6.60
CA LYS A 220 -20.40 -3.96 -7.62
C LYS A 220 -20.06 -5.23 -8.39
N LYS A 221 -18.81 -5.34 -8.86
CA LYS A 221 -18.30 -6.45 -9.66
C LYS A 221 -18.11 -7.77 -8.90
N TYR A 222 -17.49 -7.73 -7.72
CA TYR A 222 -17.10 -8.93 -6.96
C TYR A 222 -18.00 -9.35 -5.81
N TYR A 223 -18.79 -8.45 -5.26
CA TYR A 223 -19.59 -8.78 -4.10
C TYR A 223 -21.09 -8.56 -4.31
N GLY A 224 -21.45 -7.31 -4.64
CA GLY A 224 -22.83 -6.92 -4.92
C GLY A 224 -23.63 -6.42 -3.73
N THR A 225 -24.48 -5.40 -3.96
CA THR A 225 -25.38 -4.89 -2.94
C THR A 225 -26.78 -4.74 -3.56
N LYS A 226 -27.79 -4.88 -2.71
CA LYS A 226 -29.20 -4.66 -3.08
C LYS A 226 -29.36 -3.17 -3.43
N ASP A 227 -28.70 -2.28 -2.66
CA ASP A 227 -28.72 -0.84 -2.93
C ASP A 227 -27.90 -0.52 -4.18
N PRO A 228 -28.26 0.52 -5.00
CA PRO A 228 -27.45 0.80 -6.20
C PRO A 228 -25.96 1.01 -5.90
N VAL A 229 -25.62 1.67 -4.76
CA VAL A 229 -24.22 1.88 -4.36
C VAL A 229 -23.96 1.57 -2.88
N PRO A 230 -22.74 1.08 -2.54
CA PRO A 230 -22.44 0.79 -1.12
C PRO A 230 -21.95 2.01 -0.33
N GLY A 231 -21.57 3.09 -1.02
CA GLY A 231 -21.01 4.26 -0.35
C GLY A 231 -21.46 5.57 -0.96
N TYR A 232 -21.51 6.59 -0.10
CA TYR A 232 -22.03 7.91 -0.43
C TYR A 232 -21.09 9.04 -0.07
N SER A 233 -21.30 10.19 -0.74
CA SER A 233 -20.56 11.40 -0.41
C SER A 233 -21.41 12.66 -0.61
N VAL A 234 -20.82 13.80 -0.24
CA VAL A 234 -21.43 15.11 -0.39
C VAL A 234 -20.47 16.09 -1.10
N PRO A 235 -20.97 17.21 -1.68
CA PRO A 235 -20.04 18.19 -2.27
C PRO A 235 -19.12 18.77 -1.20
N ALA A 236 -17.88 19.02 -1.57
CA ALA A 236 -16.91 19.54 -0.62
C ALA A 236 -15.86 20.35 -1.39
N ALA A 237 -15.31 21.37 -0.73
CA ALA A 237 -14.27 22.19 -1.33
C ALA A 237 -12.89 21.60 -1.04
N GLU A 238 -11.91 22.04 -1.84
CA GLU A 238 -10.51 21.72 -1.58
C GLU A 238 -9.77 23.05 -1.54
N HIS A 239 -8.50 23.05 -1.12
CA HIS A 239 -7.80 24.32 -1.08
C HIS A 239 -7.75 25.02 -2.43
N SER A 240 -7.70 24.27 -3.57
CA SER A 240 -7.62 24.93 -4.89
C SER A 240 -8.88 25.75 -5.17
N THR A 241 -10.08 25.23 -4.80
CA THR A 241 -11.36 25.97 -5.05
C THR A 241 -11.57 27.18 -4.13
N ILE A 242 -10.86 27.25 -3.01
CA ILE A 242 -10.93 28.41 -2.15
C ILE A 242 -9.86 29.41 -2.58
N THR A 243 -8.59 28.97 -2.58
CA THR A 243 -7.43 29.83 -2.86
C THR A 243 -7.45 30.45 -4.28
N ALA A 244 -8.10 29.78 -5.23
CA ALA A 244 -8.21 30.29 -6.62
C ALA A 244 -8.87 31.68 -6.70
N TRP A 245 -9.68 32.06 -5.71
CA TRP A 245 -10.35 33.37 -5.66
C TRP A 245 -9.42 34.50 -5.21
N GLY A 246 -8.24 34.13 -4.70
CA GLY A 246 -7.28 35.10 -4.16
C GLY A 246 -7.43 35.24 -2.67
N LYS A 247 -6.30 35.58 -1.99
CA LYS A 247 -6.20 35.69 -0.54
C LYS A 247 -7.20 36.67 0.09
N ASP A 248 -7.51 37.79 -0.61
CA ASP A 248 -8.46 38.78 -0.08
C ASP A 248 -9.92 38.42 -0.34
N HIS A 249 -10.16 37.29 -1.05
CA HIS A 249 -11.53 36.94 -1.46
C HIS A 249 -12.01 35.57 -0.94
N GLU A 250 -11.47 35.14 0.20
CA GLU A 250 -11.90 33.87 0.82
C GLU A 250 -13.42 33.89 1.14
N LYS A 251 -13.95 35.04 1.63
CA LYS A 251 -15.38 35.15 1.91
C LYS A 251 -16.21 34.97 0.63
N ASP A 252 -15.76 35.53 -0.52
CA ASP A 252 -16.44 35.33 -1.80
C ASP A 252 -16.50 33.87 -2.20
N ALA A 253 -15.38 33.16 -1.99
CA ALA A 253 -15.26 31.73 -2.31
C ALA A 253 -16.29 30.98 -1.47
N PHE A 254 -16.28 31.21 -0.14
CA PHE A 254 -17.24 30.53 0.77
C PHE A 254 -18.67 30.81 0.37
N GLU A 255 -18.96 32.08 0.09
CA GLU A 255 -20.32 32.50 -0.29
C GLU A 255 -20.77 31.82 -1.56
N HIS A 256 -19.89 31.76 -2.58
CA HIS A 256 -20.19 31.10 -3.84
C HIS A 256 -20.49 29.65 -3.63
N ILE A 257 -19.65 28.97 -2.83
CA ILE A 257 -19.79 27.52 -2.66
C ILE A 257 -21.05 27.13 -1.88
N VAL A 258 -21.35 27.81 -0.78
CA VAL A 258 -22.54 27.43 0.01
C VAL A 258 -23.81 27.80 -0.78
N THR A 259 -23.73 28.81 -1.66
CA THR A 259 -24.89 29.16 -2.50
C THR A 259 -25.10 28.15 -3.61
N GLN A 260 -23.99 27.65 -4.22
CA GLN A 260 -24.07 26.62 -5.25
C GLN A 260 -24.68 25.32 -4.71
N PHE A 261 -24.38 24.98 -3.44
CA PHE A 261 -24.85 23.72 -2.80
C PHE A 261 -25.70 24.08 -1.60
N SER A 262 -26.78 24.84 -1.84
CA SER A 262 -27.63 25.34 -0.76
C SER A 262 -28.62 24.30 -0.21
N SER A 263 -28.88 23.24 -0.97
CA SER A 263 -29.89 22.24 -0.62
C SER A 263 -29.35 20.87 -0.24
N VAL A 264 -28.03 20.73 -0.22
CA VAL A 264 -27.38 19.48 0.17
C VAL A 264 -26.32 19.79 1.24
N PRO A 265 -25.84 18.79 2.03
CA PRO A 265 -24.73 19.09 2.95
C PRO A 265 -23.52 19.54 2.13
N VAL A 266 -22.75 20.49 2.66
CA VAL A 266 -21.55 20.94 1.94
C VAL A 266 -20.44 21.09 2.94
N SER A 267 -19.29 20.49 2.62
CA SER A 267 -18.11 20.59 3.47
C SER A 267 -17.21 21.71 2.90
N VAL A 268 -16.76 22.63 3.73
CA VAL A 268 -15.94 23.73 3.24
C VAL A 268 -14.65 23.86 4.04
N VAL A 269 -13.50 23.57 3.40
CA VAL A 269 -12.16 23.70 4.01
C VAL A 269 -11.94 25.20 4.37
N SER A 270 -11.65 25.45 5.64
CA SER A 270 -11.65 26.81 6.19
C SER A 270 -10.32 27.27 6.77
N ASP A 271 -9.24 26.50 6.54
CA ASP A 271 -7.95 26.81 7.14
C ASP A 271 -6.93 27.33 6.11
N SER A 272 -7.39 27.74 4.91
CA SER A 272 -6.42 28.18 3.86
C SER A 272 -5.47 29.25 4.34
N TYR A 273 -5.95 30.18 5.17
CA TYR A 273 -5.15 31.28 5.71
C TYR A 273 -5.21 31.38 7.21
N ASP A 274 -6.42 31.33 7.80
CA ASP A 274 -6.58 31.42 9.26
C ASP A 274 -7.94 30.85 9.61
N ILE A 275 -7.92 29.58 10.01
CA ILE A 275 -9.10 28.82 10.41
C ILE A 275 -9.95 29.52 11.47
N TYR A 276 -9.28 30.18 12.44
CA TYR A 276 -9.95 30.82 13.58
C TYR A 276 -10.69 32.08 13.13
N ASN A 277 -10.04 32.86 12.27
CA ASN A 277 -10.65 34.05 11.65
C ASN A 277 -11.83 33.61 10.78
N ALA A 278 -11.64 32.52 9.99
CA ALA A 278 -12.69 32.04 9.10
C ALA A 278 -13.94 31.65 9.93
N CYS A 279 -13.72 30.96 11.06
CA CYS A 279 -14.84 30.56 11.90
C CYS A 279 -15.49 31.73 12.60
N GLU A 280 -14.69 32.59 13.23
CA GLU A 280 -15.27 33.68 14.02
C GLU A 280 -15.85 34.82 13.20
N LYS A 281 -15.11 35.27 12.18
CA LYS A 281 -15.46 36.44 11.38
C LYS A 281 -16.19 36.15 10.09
N ILE A 282 -15.75 35.15 9.32
CA ILE A 282 -16.37 34.90 8.04
C ILE A 282 -17.64 34.12 8.21
N TRP A 283 -17.58 32.88 8.71
CA TRP A 283 -18.81 32.12 8.92
C TRP A 283 -19.66 32.72 10.04
N GLY A 284 -19.01 33.13 11.12
CA GLY A 284 -19.67 33.56 12.35
C GLY A 284 -20.28 34.95 12.32
N GLU A 285 -19.91 35.78 11.34
CA GLU A 285 -20.42 37.15 11.25
C GLU A 285 -20.81 37.50 9.83
N ASP A 286 -19.82 37.57 8.91
CA ASP A 286 -20.09 38.01 7.53
C ASP A 286 -21.07 37.17 6.77
N LEU A 287 -20.96 35.83 6.86
CA LEU A 287 -21.86 34.94 6.11
C LEU A 287 -22.82 34.18 7.02
N ARG A 288 -22.90 34.55 8.30
CA ARG A 288 -23.78 33.88 9.27
C ARG A 288 -25.25 33.74 8.77
N HIS A 289 -25.75 34.76 8.06
CA HIS A 289 -27.11 34.79 7.50
C HIS A 289 -27.38 33.70 6.45
N LEU A 290 -26.32 33.20 5.78
CA LEU A 290 -26.41 32.14 4.78
C LEU A 290 -26.30 30.77 5.44
N ILE A 291 -25.87 30.72 6.72
CA ILE A 291 -25.70 29.45 7.45
C ILE A 291 -26.96 29.11 8.27
N VAL A 292 -27.43 30.08 9.04
CA VAL A 292 -28.58 29.89 9.92
C VAL A 292 -29.90 29.61 9.14
N SER A 293 -29.94 29.85 7.83
CA SER A 293 -31.10 29.63 6.95
C SER A 293 -31.10 28.23 6.36
N ARG A 294 -30.01 27.45 6.60
CA ARG A 294 -29.90 26.11 6.00
C ARG A 294 -30.76 25.04 6.69
N SER A 295 -31.19 24.07 5.90
CA SER A 295 -31.96 22.91 6.33
C SER A 295 -31.10 21.98 7.21
N THR A 296 -31.78 21.18 8.05
CA THR A 296 -31.17 20.16 8.88
C THR A 296 -30.56 19.06 8.00
N GLN A 297 -31.13 18.84 6.79
CA GLN A 297 -30.66 17.83 5.83
C GLN A 297 -29.53 18.41 4.91
N ALA A 298 -29.20 19.69 5.09
CA ALA A 298 -28.20 20.40 4.27
C ALA A 298 -27.26 21.27 5.13
N PRO A 299 -26.62 20.74 6.19
CA PRO A 299 -25.77 21.62 6.99
C PRO A 299 -24.50 22.06 6.28
N LEU A 300 -23.90 23.12 6.80
CA LEU A 300 -22.56 23.54 6.44
C LEU A 300 -21.67 22.67 7.35
N ILE A 301 -20.63 22.06 6.76
CA ILE A 301 -19.69 21.26 7.52
C ILE A 301 -18.35 21.98 7.43
N ILE A 302 -17.95 22.64 8.51
CA ILE A 302 -16.67 23.36 8.51
C ILE A 302 -15.54 22.33 8.61
N ARG A 303 -14.52 22.49 7.75
CA ARG A 303 -13.38 21.60 7.77
C ARG A 303 -12.05 22.29 8.09
N PRO A 304 -11.52 22.15 9.34
CA PRO A 304 -10.13 22.57 9.59
C PRO A 304 -9.24 21.49 8.91
N ASP A 305 -7.96 21.77 8.69
CA ASP A 305 -7.08 20.79 8.01
C ASP A 305 -5.61 20.99 8.38
N SER A 306 -5.35 21.60 9.52
CA SER A 306 -3.98 21.85 9.96
C SER A 306 -3.99 22.16 11.42
N GLY A 307 -2.80 22.07 12.03
CA GLY A 307 -2.65 22.33 13.45
C GLY A 307 -2.81 21.04 14.24
N ASN A 308 -2.64 21.14 15.55
CA ASN A 308 -2.80 19.99 16.42
C ASN A 308 -4.28 19.55 16.27
N PRO A 309 -4.56 18.28 15.86
CA PRO A 309 -5.97 17.86 15.65
C PRO A 309 -6.93 18.08 16.82
N LEU A 310 -6.52 17.73 18.05
CA LEU A 310 -7.41 17.95 19.20
C LEU A 310 -7.56 19.45 19.52
N ASP A 311 -6.44 20.18 19.70
CA ASP A 311 -6.49 21.60 20.05
C ASP A 311 -7.32 22.38 19.03
N THR A 312 -7.15 22.05 17.73
CA THR A 312 -7.89 22.74 16.67
C THR A 312 -9.38 22.46 16.75
N VAL A 313 -9.77 21.18 16.88
CA VAL A 313 -11.19 20.82 16.98
C VAL A 313 -11.82 21.58 18.14
N LEU A 314 -11.17 21.55 19.33
CA LEU A 314 -11.69 22.21 20.52
C LEU A 314 -11.81 23.72 20.35
N LYS A 315 -10.81 24.35 19.72
CA LYS A 315 -10.82 25.80 19.56
C LYS A 315 -11.92 26.21 18.54
N VAL A 316 -12.07 25.42 17.45
CA VAL A 316 -13.14 25.64 16.45
C VAL A 316 -14.52 25.55 17.11
N LEU A 317 -14.75 24.49 17.91
CA LEU A 317 -16.04 24.36 18.61
C LEU A 317 -16.30 25.53 19.59
N GLU A 318 -15.28 25.98 20.34
CA GLU A 318 -15.45 27.10 21.28
C GLU A 318 -15.83 28.43 20.54
N ILE A 319 -15.19 28.67 19.38
CA ILE A 319 -15.53 29.83 18.54
C ILE A 319 -16.96 29.73 18.04
N LEU A 320 -17.33 28.57 17.41
CA LEU A 320 -18.67 28.37 16.87
C LEU A 320 -19.75 28.46 17.93
N GLY A 321 -19.43 27.98 19.14
CA GLY A 321 -20.35 27.99 20.29
C GLY A 321 -20.68 29.38 20.76
N LYS A 322 -19.77 30.34 20.52
CA LYS A 322 -19.99 31.73 20.92
C LYS A 322 -20.66 32.55 19.80
N LYS A 323 -20.65 32.02 18.55
CA LYS A 323 -21.26 32.71 17.42
C LYS A 323 -22.62 32.15 17.00
N PHE A 324 -22.90 30.89 17.37
CA PHE A 324 -24.14 30.22 16.99
C PHE A 324 -24.91 29.73 18.19
N PRO A 325 -26.24 29.51 18.08
CA PRO A 325 -27.01 29.06 19.25
C PRO A 325 -26.67 27.61 19.62
N VAL A 326 -26.25 27.38 20.83
CA VAL A 326 -25.90 26.02 21.26
C VAL A 326 -26.96 25.52 22.21
N THR A 327 -27.34 24.25 22.08
CA THR A 327 -28.31 23.61 23.01
C THR A 327 -27.55 22.61 23.87
N GLU A 328 -28.23 22.10 24.91
CA GLU A 328 -27.67 21.06 25.77
C GLU A 328 -28.58 19.86 25.58
N ASN A 329 -28.02 18.73 25.10
CA ASN A 329 -28.87 17.57 24.85
C ASN A 329 -29.27 16.88 26.17
N SER A 330 -30.04 15.79 26.10
CA SER A 330 -30.54 15.12 27.31
C SER A 330 -29.44 14.47 28.17
N LYS A 331 -28.24 14.32 27.62
CA LYS A 331 -27.08 13.75 28.32
C LYS A 331 -26.22 14.84 28.98
N GLY A 332 -26.51 16.11 28.70
CA GLY A 332 -25.77 17.22 29.29
C GLY A 332 -24.65 17.74 28.41
N TYR A 333 -24.61 17.29 27.14
CA TYR A 333 -23.56 17.70 26.22
C TYR A 333 -24.03 18.77 25.26
N LYS A 334 -23.10 19.68 24.93
CA LYS A 334 -23.32 20.79 24.04
C LYS A 334 -23.48 20.35 22.62
N LEU A 335 -24.44 20.98 21.95
CA LEU A 335 -24.78 20.59 20.59
C LEU A 335 -24.95 21.84 19.70
N LEU A 336 -24.16 21.92 18.64
CA LEU A 336 -24.26 23.02 17.69
C LEU A 336 -25.65 22.96 17.03
N PRO A 337 -26.13 24.06 16.38
CA PRO A 337 -27.42 23.97 15.69
C PRO A 337 -27.36 22.96 14.56
N PRO A 338 -28.50 22.37 14.15
CA PRO A 338 -28.46 21.29 13.15
C PRO A 338 -27.95 21.66 11.76
N TYR A 339 -27.87 22.94 11.43
CA TYR A 339 -27.37 23.35 10.11
C TYR A 339 -25.83 23.54 10.13
N LEU A 340 -25.16 23.20 11.25
CA LEU A 340 -23.72 23.43 11.38
C LEU A 340 -23.02 22.25 12.06
N ARG A 341 -22.01 21.72 11.37
CA ARG A 341 -21.21 20.60 11.88
C ARG A 341 -19.75 20.82 11.51
N VAL A 342 -18.86 19.95 12.03
CA VAL A 342 -17.43 20.06 11.80
C VAL A 342 -16.92 18.72 11.34
N ILE A 343 -15.92 18.74 10.44
CA ILE A 343 -15.26 17.49 10.08
C ILE A 343 -13.75 17.68 10.29
N GLN A 344 -13.11 16.79 11.05
CA GLN A 344 -11.66 16.83 11.22
C GLN A 344 -11.11 15.80 10.21
N GLY A 345 -10.44 16.27 9.16
CA GLY A 345 -9.92 15.41 8.10
C GLY A 345 -8.41 15.42 7.95
N ASP A 346 -7.67 15.97 8.94
CA ASP A 346 -6.20 15.98 8.93
C ASP A 346 -5.65 15.20 10.14
N GLY A 347 -4.64 14.38 9.88
CA GLY A 347 -3.93 13.59 10.88
C GLY A 347 -4.77 12.60 11.67
N VAL A 348 -5.88 12.11 11.07
CA VAL A 348 -6.76 11.16 11.73
C VAL A 348 -6.30 9.73 11.52
N ASP A 349 -6.09 9.02 12.64
CA ASP A 349 -5.81 7.59 12.69
C ASP A 349 -6.50 7.07 13.94
N ILE A 350 -6.45 5.79 14.20
CA ILE A 350 -7.18 5.26 15.36
C ILE A 350 -6.78 5.94 16.71
N ASN A 351 -5.49 6.33 16.88
CA ASN A 351 -5.02 6.95 18.11
C ASN A 351 -5.53 8.38 18.25
N THR A 352 -5.44 9.18 17.17
CA THR A 352 -5.87 10.58 17.23
C THR A 352 -7.40 10.68 17.31
N LEU A 353 -8.10 9.72 16.70
CA LEU A 353 -9.57 9.67 16.75
C LEU A 353 -10.00 9.55 18.23
N GLN A 354 -9.41 8.57 18.95
CA GLN A 354 -9.66 8.35 20.38
C GLN A 354 -9.31 9.63 21.19
N GLU A 355 -8.17 10.26 20.89
CA GLU A 355 -7.77 11.48 21.59
C GLU A 355 -8.81 12.61 21.39
N ILE A 356 -9.29 12.80 20.15
CA ILE A 356 -10.28 13.85 19.86
C ILE A 356 -11.61 13.58 20.57
N VAL A 357 -12.17 12.36 20.44
CA VAL A 357 -13.49 12.15 21.07
C VAL A 357 -13.42 12.25 22.60
N GLU A 358 -12.31 11.76 23.21
CA GLU A 358 -12.12 11.88 24.67
C GLU A 358 -11.99 13.37 25.06
N GLY A 359 -11.23 14.14 24.27
CA GLY A 359 -11.03 15.57 24.53
C GLY A 359 -12.34 16.35 24.45
N MET A 360 -13.15 16.03 23.43
CA MET A 360 -14.47 16.64 23.25
C MET A 360 -15.39 16.33 24.44
N LYS A 361 -15.43 15.04 24.84
CA LYS A 361 -16.24 14.60 25.98
C LYS A 361 -15.85 15.36 27.24
N GLN A 362 -14.53 15.54 27.50
CA GLN A 362 -14.03 16.30 28.66
C GLN A 362 -14.47 17.76 28.63
N LYS A 363 -14.63 18.35 27.41
CA LYS A 363 -15.07 19.74 27.26
C LYS A 363 -16.59 19.85 27.11
N MET A 364 -17.31 18.74 27.40
CA MET A 364 -18.78 18.66 27.35
C MET A 364 -19.40 18.95 25.94
N TRP A 365 -18.72 18.54 24.87
CA TRP A 365 -19.19 18.62 23.48
C TRP A 365 -19.68 17.26 23.03
N SER A 366 -20.89 17.19 22.49
CA SER A 366 -21.41 15.94 21.98
C SER A 366 -20.64 15.47 20.76
N ILE A 367 -20.50 14.16 20.61
CA ILE A 367 -19.85 13.62 19.41
C ILE A 367 -20.78 13.79 18.20
N GLU A 368 -22.09 14.16 18.39
CA GLU A 368 -22.91 14.39 17.19
C GLU A 368 -22.44 15.62 16.41
N ASN A 369 -21.63 16.48 17.04
CA ASN A 369 -21.09 17.69 16.40
C ASN A 369 -20.01 17.42 15.36
N ILE A 370 -19.35 16.26 15.45
CA ILE A 370 -18.18 16.02 14.61
C ILE A 370 -18.26 14.79 13.74
N ALA A 371 -17.54 14.84 12.62
CA ALA A 371 -17.29 13.70 11.77
C ALA A 371 -15.77 13.70 11.53
N PHE A 372 -15.26 12.58 11.04
CA PHE A 372 -13.85 12.44 10.77
C PHE A 372 -13.60 12.02 9.33
N GLY A 373 -12.52 12.53 8.76
CA GLY A 373 -12.07 12.10 7.43
C GLY A 373 -10.68 11.53 7.65
N SER A 374 -10.41 10.32 7.14
CA SER A 374 -9.12 9.69 7.35
C SER A 374 -8.60 9.17 6.02
N GLY A 375 -7.34 9.47 5.75
CA GLY A 375 -6.68 9.11 4.49
C GLY A 375 -5.69 8.00 4.70
N GLY A 376 -4.42 8.37 4.82
CA GLY A 376 -3.34 7.40 5.03
C GLY A 376 -3.56 6.56 6.29
N GLY A 377 -4.14 7.17 7.33
CA GLY A 377 -4.39 6.43 8.58
C GLY A 377 -5.33 5.27 8.40
N LEU A 378 -6.27 5.42 7.46
CA LEU A 378 -7.30 4.43 7.19
C LEU A 378 -6.86 3.37 6.18
N LEU A 379 -6.16 3.79 5.11
CA LEU A 379 -5.83 2.86 4.03
C LEU A 379 -4.37 2.58 3.72
N GLN A 380 -3.43 3.35 4.26
CA GLN A 380 -2.02 3.15 3.88
C GLN A 380 -1.09 2.81 5.07
N LYS A 381 -1.32 3.42 6.21
CA LYS A 381 -0.45 3.27 7.39
C LYS A 381 -0.79 1.96 8.12
N LEU A 382 -0.63 0.84 7.40
CA LEU A 382 -0.93 -0.52 7.88
C LEU A 382 0.05 -1.47 7.22
N THR A 383 0.47 -2.50 7.96
CA THR A 383 1.37 -3.51 7.45
C THR A 383 0.88 -4.89 7.89
N ARG A 384 1.45 -5.92 7.28
CA ARG A 384 1.11 -7.31 7.56
C ARG A 384 1.43 -7.69 9.03
N ASP A 385 2.36 -6.96 9.64
CA ASP A 385 2.79 -7.09 11.03
C ASP A 385 1.72 -6.68 12.04
N LEU A 386 0.76 -5.81 11.67
CA LEU A 386 -0.23 -5.33 12.62
C LEU A 386 -1.06 -6.48 13.22
N LEU A 387 -1.53 -7.39 12.36
CA LEU A 387 -2.32 -8.54 12.82
C LEU A 387 -1.55 -9.85 12.71
N ASN A 388 -0.27 -9.76 12.29
CA ASN A 388 0.60 -10.93 12.10
C ASN A 388 -0.07 -11.92 11.17
N CYS A 389 -0.58 -11.43 10.04
CA CYS A 389 -1.21 -12.28 9.02
C CYS A 389 -0.15 -13.17 8.43
N SER A 390 -0.40 -14.49 8.50
CA SER A 390 0.63 -15.44 8.11
C SER A 390 0.08 -16.72 7.48
N PHE A 391 0.82 -17.29 6.51
CA PHE A 391 0.42 -18.50 5.78
C PHE A 391 1.51 -19.52 5.99
N LYS A 392 1.14 -20.71 6.50
CA LYS A 392 2.13 -21.73 6.82
C LYS A 392 1.63 -23.12 6.50
N CYS A 393 2.58 -24.00 6.13
CA CYS A 393 2.26 -25.42 5.89
C CYS A 393 2.11 -26.11 7.26
N SER A 394 0.97 -26.81 7.49
CA SER A 394 0.70 -27.55 8.72
C SER A 394 0.58 -29.08 8.51
N TYR A 395 0.42 -29.54 7.26
CA TYR A 395 0.23 -30.98 7.03
C TYR A 395 0.75 -31.39 5.69
N VAL A 396 1.41 -32.53 5.64
CA VAL A 396 1.96 -33.05 4.39
C VAL A 396 1.70 -34.55 4.30
N VAL A 397 1.55 -35.09 3.09
CA VAL A 397 1.43 -36.54 2.92
C VAL A 397 2.66 -37.00 2.11
N THR A 398 3.53 -37.83 2.71
CA THR A 398 4.76 -38.32 2.04
C THR A 398 4.79 -39.83 2.18
N ASN A 399 4.91 -40.55 1.06
CA ASN A 399 4.84 -42.01 1.00
C ASN A 399 3.53 -42.56 1.58
N GLY A 400 2.42 -41.86 1.31
CA GLY A 400 1.08 -42.20 1.76
C GLY A 400 0.79 -41.98 3.23
N LEU A 401 1.76 -41.42 3.98
CA LEU A 401 1.67 -41.18 5.42
C LEU A 401 1.53 -39.65 5.67
N GLY A 402 0.48 -39.28 6.39
CA GLY A 402 0.26 -37.89 6.77
C GLY A 402 1.12 -37.53 7.96
N ILE A 403 1.83 -36.41 7.89
CA ILE A 403 2.64 -35.96 9.02
C ILE A 403 2.30 -34.50 9.35
N ASN A 404 2.23 -34.20 10.66
CA ASN A 404 1.91 -32.86 11.17
C ASN A 404 3.18 -32.06 11.15
N VAL A 405 3.17 -30.94 10.47
CA VAL A 405 4.35 -30.12 10.26
C VAL A 405 4.14 -28.71 10.83
N PHE A 406 5.24 -28.06 11.21
CA PHE A 406 5.18 -26.76 11.87
C PHE A 406 6.57 -26.20 12.02
N LYS A 407 6.63 -24.90 12.30
CA LYS A 407 7.86 -24.20 12.67
C LYS A 407 7.72 -23.78 14.15
N ASP A 408 8.86 -23.69 14.87
CA ASP A 408 8.83 -23.30 16.28
C ASP A 408 10.20 -22.70 16.61
N PRO A 409 10.51 -21.47 16.09
CA PRO A 409 11.86 -20.91 16.31
C PRO A 409 12.20 -20.71 17.76
N VAL A 410 13.40 -21.16 18.15
CA VAL A 410 13.86 -21.11 19.54
C VAL A 410 13.76 -19.71 20.17
N ALA A 411 14.10 -18.65 19.41
CA ALA A 411 14.11 -17.29 19.94
C ALA A 411 12.78 -16.57 19.88
N ASP A 412 11.75 -17.15 19.23
CA ASP A 412 10.46 -16.48 19.11
C ASP A 412 9.27 -17.44 19.17
N PRO A 413 8.74 -17.72 20.40
CA PRO A 413 7.54 -18.58 20.53
C PRO A 413 6.29 -18.00 19.85
N ASN A 414 6.25 -16.68 19.62
CA ASN A 414 5.12 -16.05 18.91
C ASN A 414 5.05 -16.48 17.44
N LYS A 415 6.16 -17.01 16.87
CA LYS A 415 6.25 -17.46 15.49
C LYS A 415 5.98 -18.96 15.33
N ARG A 416 5.64 -19.65 16.41
CA ARG A 416 5.27 -21.05 16.36
C ARG A 416 3.98 -21.18 15.51
N SER A 417 3.95 -22.18 14.63
CA SER A 417 2.77 -22.38 13.79
C SER A 417 1.98 -23.65 14.21
N LYS A 418 0.72 -23.75 13.76
CA LYS A 418 -0.17 -24.86 14.11
C LYS A 418 0.22 -26.17 13.42
N LYS A 419 -0.18 -27.32 14.02
CA LYS A 419 0.18 -28.66 13.51
C LYS A 419 -1.03 -29.40 12.95
N GLY A 420 -0.83 -30.07 11.81
CA GLY A 420 -1.82 -30.94 11.21
C GLY A 420 -2.99 -30.29 10.52
N ARG A 421 -4.01 -31.12 10.27
CA ARG A 421 -5.25 -30.69 9.63
C ARG A 421 -6.05 -29.88 10.65
N LEU A 422 -6.59 -28.75 10.19
CA LEU A 422 -7.26 -27.80 11.07
C LEU A 422 -8.70 -27.63 10.79
N SER A 423 -9.42 -27.19 11.82
CA SER A 423 -10.82 -26.88 11.65
C SER A 423 -11.19 -25.83 12.69
N LEU A 424 -12.19 -25.01 12.38
CA LEU A 424 -12.65 -23.92 13.23
C LEU A 424 -14.04 -24.23 13.78
N HIS A 425 -14.21 -24.11 15.10
CA HIS A 425 -15.46 -24.49 15.76
C HIS A 425 -15.90 -23.46 16.79
N ARG A 426 -17.18 -23.51 17.11
CA ARG A 426 -17.80 -22.73 18.17
C ARG A 426 -17.55 -23.53 19.43
N THR A 427 -17.23 -22.85 20.53
CA THR A 427 -17.01 -23.56 21.81
C THR A 427 -18.36 -23.62 22.54
N PRO A 428 -18.52 -24.43 23.60
CA PRO A 428 -19.79 -24.43 24.36
C PRO A 428 -20.23 -23.05 24.86
N ALA A 429 -19.28 -22.14 25.23
CA ALA A 429 -19.61 -20.78 25.68
C ALA A 429 -19.90 -19.79 24.53
N GLY A 430 -19.79 -20.26 23.29
CA GLY A 430 -20.03 -19.44 22.10
C GLY A 430 -18.80 -18.69 21.61
N ASN A 431 -17.61 -19.15 21.99
CA ASN A 431 -16.35 -18.53 21.52
C ASN A 431 -15.85 -19.35 20.33
N PHE A 432 -14.59 -19.19 19.94
CA PHE A 432 -14.04 -19.93 18.81
C PHE A 432 -12.85 -20.74 19.27
N VAL A 433 -12.61 -21.87 18.60
CA VAL A 433 -11.42 -22.67 18.88
C VAL A 433 -10.97 -23.27 17.55
N THR A 434 -9.65 -23.29 17.32
CA THR A 434 -9.07 -23.98 16.18
C THR A 434 -8.55 -25.33 16.69
N LEU A 435 -9.09 -26.43 16.16
CA LEU A 435 -8.62 -27.77 16.52
C LEU A 435 -7.51 -28.18 15.59
N GLU A 436 -6.41 -28.67 16.14
CA GLU A 436 -5.24 -29.07 15.36
C GLU A 436 -5.17 -30.60 15.25
N GLU A 437 -4.24 -31.12 14.43
CA GLU A 437 -3.95 -32.56 14.27
C GLU A 437 -5.17 -33.40 13.86
N GLY A 438 -6.06 -32.79 13.09
CA GLY A 438 -7.27 -33.45 12.59
C GLY A 438 -8.27 -33.83 13.68
N LYS A 439 -8.14 -33.23 14.90
CA LYS A 439 -9.03 -33.50 16.04
C LYS A 439 -10.50 -33.09 15.79
N GLY A 440 -10.74 -32.23 14.81
CA GLY A 440 -12.08 -31.88 14.37
C GLY A 440 -12.87 -33.11 13.90
N ASP A 441 -12.16 -34.17 13.41
CA ASP A 441 -12.73 -35.46 12.95
C ASP A 441 -13.50 -36.18 14.06
N LEU A 442 -13.12 -35.96 15.34
CA LEU A 442 -13.87 -36.45 16.50
C LEU A 442 -15.12 -35.56 16.52
N GLU A 443 -16.30 -36.08 16.81
CA GLU A 443 -17.47 -35.18 16.74
C GLU A 443 -17.74 -34.49 18.09
N GLU A 444 -16.69 -33.89 18.70
CA GLU A 444 -16.75 -33.30 20.04
C GLU A 444 -17.25 -31.87 20.06
N TYR A 445 -17.05 -31.15 18.97
CA TYR A 445 -17.49 -29.78 18.79
C TYR A 445 -18.52 -29.85 17.63
N GLY A 446 -19.19 -28.75 17.33
CA GLY A 446 -20.17 -28.71 16.26
C GLY A 446 -19.52 -28.76 14.90
N GLN A 447 -20.22 -28.28 13.88
CA GLN A 447 -19.71 -28.29 12.51
C GLN A 447 -18.51 -27.35 12.34
N ASP A 448 -17.61 -27.71 11.42
CA ASP A 448 -16.47 -26.89 11.06
C ASP A 448 -17.04 -25.62 10.40
N LEU A 449 -16.57 -24.44 10.83
CA LEU A 449 -17.02 -23.16 10.30
C LEU A 449 -16.34 -22.78 8.97
N LEU A 450 -15.30 -23.53 8.58
CA LEU A 450 -14.63 -23.32 7.29
C LEU A 450 -15.45 -24.04 6.25
N HIS A 451 -15.78 -23.36 5.16
CA HIS A 451 -16.56 -23.98 4.07
C HIS A 451 -15.76 -23.90 2.78
N THR A 452 -15.93 -24.88 1.86
CA THR A 452 -15.22 -24.79 0.58
C THR A 452 -15.70 -23.56 -0.20
N VAL A 453 -14.76 -22.70 -0.60
CA VAL A 453 -15.01 -21.49 -1.38
C VAL A 453 -14.42 -21.59 -2.77
N PHE A 454 -13.43 -22.48 -2.95
CA PHE A 454 -12.80 -22.68 -4.23
C PHE A 454 -12.42 -24.13 -4.36
N LYS A 455 -12.61 -24.69 -5.55
CA LYS A 455 -12.22 -26.06 -5.81
C LYS A 455 -12.06 -26.24 -7.30
N ASN A 456 -10.86 -26.68 -7.71
CA ASN A 456 -10.53 -27.05 -9.08
C ASN A 456 -10.90 -25.97 -10.13
N GLY A 457 -10.53 -24.72 -9.83
CA GLY A 457 -10.75 -23.60 -10.73
C GLY A 457 -12.09 -22.91 -10.64
N LYS A 458 -12.97 -23.38 -9.76
CA LYS A 458 -14.30 -22.81 -9.58
C LYS A 458 -14.48 -22.20 -8.21
N VAL A 459 -15.12 -21.01 -8.16
CA VAL A 459 -15.53 -20.37 -6.92
C VAL A 459 -16.86 -21.08 -6.60
N THR A 460 -16.88 -21.85 -5.51
CA THR A 460 -18.00 -22.71 -5.12
C THR A 460 -18.97 -22.07 -4.14
N LYS A 461 -18.56 -20.98 -3.49
CA LYS A 461 -19.43 -20.30 -2.53
C LYS A 461 -19.07 -18.82 -2.52
N SER A 462 -20.08 -17.96 -2.70
CA SER A 462 -19.92 -16.50 -2.72
C SER A 462 -20.83 -15.83 -1.70
N TYR A 463 -20.42 -14.64 -1.24
CA TYR A 463 -21.14 -13.81 -0.29
C TYR A 463 -21.42 -12.48 -0.93
N SER A 464 -22.58 -11.92 -0.62
CA SER A 464 -22.89 -10.58 -1.10
C SER A 464 -22.29 -9.60 -0.11
N PHE A 465 -22.15 -8.34 -0.53
CA PHE A 465 -21.62 -7.31 0.36
C PHE A 465 -22.56 -7.03 1.54
N ASP A 466 -23.89 -7.21 1.34
CA ASP A 466 -24.88 -7.04 2.41
C ASP A 466 -24.69 -8.10 3.49
N GLU A 467 -24.38 -9.34 3.10
CA GLU A 467 -24.15 -10.44 4.03
C GLU A 467 -22.89 -10.17 4.87
N ILE A 468 -21.82 -9.70 4.21
CA ILE A 468 -20.55 -9.36 4.87
C ILE A 468 -20.75 -8.24 5.92
N ARG A 469 -21.48 -7.15 5.55
CA ARG A 469 -21.81 -6.07 6.47
C ARG A 469 -22.58 -6.60 7.70
N LYS A 470 -23.54 -7.53 7.47
CA LYS A 470 -24.31 -8.10 8.59
C LYS A 470 -23.39 -8.89 9.52
N ASN A 471 -22.51 -9.70 8.93
CA ASN A 471 -21.58 -10.51 9.72
C ASN A 471 -20.63 -9.66 10.55
N ALA A 472 -20.22 -8.49 10.02
CA ALA A 472 -19.24 -7.60 10.64
C ALA A 472 -19.85 -6.57 11.60
N GLN A 473 -21.17 -6.62 11.79
CA GLN A 473 -21.87 -5.67 12.66
C GLN A 473 -21.30 -5.64 14.05
N LEU A 474 -21.40 -4.50 14.71
CA LEU A 474 -20.94 -4.44 16.09
C LEU A 474 -22.05 -4.99 16.99
N ASN A 475 -21.68 -5.41 18.22
CA ASN A 475 -22.61 -5.91 19.23
C ASN A 475 -23.60 -4.84 19.74
N ILE A 476 -23.09 -3.61 20.09
CA ILE A 476 -23.84 -2.46 20.66
C ILE A 476 -25.31 -2.41 20.19
N GLU A 477 -26.20 -3.05 21.01
CA GLU A 477 -27.66 -3.23 20.86
C GLU A 477 -28.00 -4.35 19.86
N PHE B 1 -10.62 0.44 -17.03
CA PHE B 1 -10.35 1.64 -16.25
C PHE B 1 -11.08 2.84 -16.83
N ASN B 2 -11.72 3.60 -15.94
CA ASN B 2 -12.48 4.76 -16.30
C ASN B 2 -12.01 5.97 -15.48
N ILE B 3 -11.23 6.85 -16.12
CA ILE B 3 -10.66 8.07 -15.51
C ILE B 3 -11.74 8.98 -14.85
N LEU B 4 -13.00 8.88 -15.32
CA LEU B 4 -14.10 9.66 -14.78
C LEU B 4 -14.49 9.17 -13.40
N LEU B 5 -14.08 7.94 -13.05
CA LEU B 5 -14.37 7.31 -11.77
C LEU B 5 -13.05 7.08 -11.01
N ALA B 6 -11.97 7.78 -11.42
CA ALA B 6 -10.66 7.63 -10.81
C ALA B 6 -10.15 8.90 -10.12
N THR B 7 -11.06 9.55 -9.37
CA THR B 7 -10.75 10.77 -8.64
C THR B 7 -11.43 10.72 -7.27
N ASP B 8 -11.04 11.61 -6.36
CA ASP B 8 -11.74 11.70 -5.08
C ASP B 8 -13.14 12.21 -5.41
N SER B 9 -14.18 11.67 -4.79
CA SER B 9 -15.56 12.14 -5.05
C SER B 9 -15.75 13.63 -5.07
N TYR B 10 -15.19 14.35 -4.09
CA TYR B 10 -15.46 15.78 -4.04
C TYR B 10 -14.99 16.54 -5.27
N LYS B 11 -14.00 15.99 -6.02
CA LYS B 11 -13.50 16.64 -7.24
C LYS B 11 -14.58 16.73 -8.34
N VAL B 12 -15.57 15.83 -8.30
CA VAL B 12 -16.71 15.84 -9.23
C VAL B 12 -17.47 17.19 -9.07
N THR B 13 -17.45 17.79 -7.87
CA THR B 13 -18.21 19.00 -7.59
C THR B 13 -17.42 20.30 -7.75
N HIS B 14 -16.11 20.20 -8.00
CA HIS B 14 -15.28 21.40 -8.01
C HIS B 14 -15.49 22.35 -9.18
N TYR B 15 -15.93 21.84 -10.35
CA TYR B 15 -16.12 22.72 -11.52
C TYR B 15 -17.08 23.87 -11.24
N LYS B 16 -18.00 23.68 -10.25
CA LYS B 16 -18.99 24.64 -9.76
C LYS B 16 -18.46 25.59 -8.67
N GLN B 17 -17.20 25.41 -8.23
CA GLN B 17 -16.65 26.16 -7.09
C GLN B 17 -15.59 27.18 -7.40
N TYR B 18 -14.91 27.00 -8.54
CA TYR B 18 -13.85 27.91 -8.95
C TYR B 18 -14.47 29.28 -9.29
N PRO B 19 -13.70 30.38 -9.28
CA PRO B 19 -14.29 31.67 -9.68
C PRO B 19 -14.86 31.63 -11.09
N PRO B 20 -16.03 32.25 -11.34
CA PRO B 20 -16.55 32.29 -12.72
C PRO B 20 -15.54 32.90 -13.70
N ASN B 21 -15.51 32.39 -14.94
CA ASN B 21 -14.61 32.84 -16.02
C ASN B 21 -13.15 32.51 -15.75
N THR B 22 -12.92 31.35 -15.11
CA THR B 22 -11.57 30.87 -14.92
C THR B 22 -11.20 30.08 -16.16
N SER B 23 -10.10 30.46 -16.82
CA SER B 23 -9.65 29.83 -18.05
C SER B 23 -8.42 28.97 -17.85
N LYS B 24 -7.71 29.15 -16.72
CA LYS B 24 -6.49 28.38 -16.46
C LYS B 24 -6.39 28.04 -15.00
N VAL B 25 -6.09 26.77 -14.71
CA VAL B 25 -5.76 26.31 -13.36
C VAL B 25 -4.41 25.62 -13.54
N TYR B 26 -3.39 26.10 -12.83
CA TYR B 26 -2.02 25.60 -12.91
C TYR B 26 -1.63 25.09 -11.53
N SER B 27 -1.18 23.85 -11.48
CA SER B 27 -0.86 23.16 -10.23
C SER B 27 0.50 22.50 -10.29
N TYR B 28 1.06 22.17 -9.12
CA TYR B 28 2.40 21.58 -9.06
C TYR B 28 2.49 20.55 -7.93
N PHE B 29 3.51 19.70 -8.04
CA PHE B 29 3.81 18.68 -7.05
C PHE B 29 5.20 18.91 -6.51
N GLU B 30 5.35 18.73 -5.21
CA GLU B 30 6.65 18.84 -4.52
C GLU B 30 6.65 17.88 -3.34
N CYS B 31 7.85 17.56 -2.81
CA CYS B 31 8.01 16.77 -1.59
C CYS B 31 8.40 17.87 -0.58
N ARG B 32 7.39 18.45 0.04
CA ARG B 32 7.45 19.62 0.93
C ARG B 32 8.52 19.51 2.00
N GLU B 33 9.20 20.64 2.25
CA GLU B 33 10.23 20.95 3.26
C GLU B 33 11.63 21.05 2.69
N TYR B 46 15.68 12.54 5.23
CA TYR B 46 15.35 12.39 3.81
C TYR B 46 15.44 13.77 3.11
N GLU B 47 16.65 14.28 2.98
CA GLU B 47 16.89 15.62 2.42
C GLU B 47 16.68 15.75 0.91
N GLU B 48 16.76 14.63 0.19
CA GLU B 48 16.66 14.59 -1.27
C GLU B 48 15.80 13.40 -1.70
N THR B 49 15.05 13.56 -2.78
CA THR B 49 14.17 12.50 -3.23
C THR B 49 14.50 12.09 -4.66
N VAL B 50 14.24 10.84 -5.00
CA VAL B 50 14.45 10.28 -6.34
C VAL B 50 13.10 10.48 -7.04
N PHE B 51 13.09 11.20 -8.15
CA PHE B 51 11.84 11.39 -8.89
C PHE B 51 11.61 10.20 -9.81
N TYR B 52 10.64 9.36 -9.49
CA TYR B 52 10.40 8.17 -10.27
C TYR B 52 8.93 7.77 -10.23
N GLY B 53 8.40 7.29 -11.37
CA GLY B 53 7.06 6.67 -11.47
C GLY B 53 6.01 7.39 -12.28
N LEU B 54 6.24 8.66 -12.58
CA LEU B 54 5.28 9.46 -13.35
C LEU B 54 5.03 8.85 -14.73
N GLN B 55 6.08 8.37 -15.43
CA GLN B 55 5.94 7.75 -16.76
C GLN B 55 4.97 6.57 -16.78
N TYR B 56 4.97 5.78 -15.69
CA TYR B 56 4.05 4.65 -15.57
C TYR B 56 2.60 5.17 -15.58
N ILE B 57 2.35 6.20 -14.78
CA ILE B 57 1.01 6.82 -14.65
C ILE B 57 0.57 7.43 -15.97
N LEU B 58 1.46 8.22 -16.59
CA LEU B 58 1.15 8.86 -17.88
C LEU B 58 0.71 7.82 -18.92
N ASN B 59 1.47 6.73 -19.07
CA ASN B 59 1.19 5.70 -20.06
C ASN B 59 -0.01 4.82 -19.75
N LYS B 60 -0.14 4.37 -18.47
CA LYS B 60 -1.22 3.45 -18.11
C LYS B 60 -2.59 4.09 -18.01
N TYR B 61 -2.66 5.31 -17.48
CA TYR B 61 -3.92 5.96 -17.19
C TYR B 61 -4.27 7.26 -17.93
N LEU B 62 -3.28 8.04 -18.34
CA LEU B 62 -3.60 9.35 -18.89
C LEU B 62 -3.55 9.52 -20.41
N LYS B 63 -2.72 8.76 -21.12
CA LYS B 63 -2.56 8.97 -22.57
C LYS B 63 -3.66 8.35 -23.42
N GLY B 64 -3.81 8.92 -24.63
CA GLY B 64 -4.74 8.45 -25.63
C GLY B 64 -6.19 8.78 -25.34
N LYS B 65 -7.08 7.98 -25.93
CA LYS B 65 -8.51 8.21 -25.76
C LYS B 65 -8.95 7.64 -24.44
N VAL B 66 -9.11 8.49 -23.45
CA VAL B 66 -9.49 8.07 -22.08
C VAL B 66 -10.96 8.37 -21.77
N VAL B 67 -11.65 9.03 -22.72
CA VAL B 67 -13.07 9.38 -22.56
C VAL B 67 -13.83 8.75 -23.73
N THR B 68 -14.93 8.06 -23.42
CA THR B 68 -15.87 7.45 -24.37
C THR B 68 -17.30 7.79 -23.94
N LYS B 69 -18.31 7.64 -24.85
CA LYS B 69 -19.70 7.88 -24.46
C LYS B 69 -20.16 6.95 -23.33
N GLU B 70 -19.67 5.69 -23.34
CA GLU B 70 -20.00 4.67 -22.34
C GLU B 70 -19.43 5.06 -20.97
N LYS B 71 -18.18 5.56 -20.94
CA LYS B 71 -17.52 5.97 -19.69
C LYS B 71 -18.23 7.17 -19.07
N ILE B 72 -18.72 8.09 -19.92
CA ILE B 72 -19.48 9.26 -19.44
C ILE B 72 -20.78 8.78 -18.81
N GLN B 73 -21.52 7.89 -19.51
CA GLN B 73 -22.81 7.36 -19.01
C GLN B 73 -22.61 6.58 -17.70
N GLU B 74 -21.57 5.71 -17.64
CA GLU B 74 -21.24 4.92 -16.45
C GLU B 74 -20.99 5.87 -15.25
N ALA B 75 -20.15 6.91 -15.43
CA ALA B 75 -19.88 7.87 -14.37
C ALA B 75 -21.14 8.63 -13.94
N LYS B 76 -21.94 9.10 -14.92
CA LYS B 76 -23.18 9.81 -14.61
C LYS B 76 -24.11 8.99 -13.72
N ASP B 77 -24.27 7.69 -14.02
CA ASP B 77 -25.15 6.80 -13.26
C ASP B 77 -24.62 6.50 -11.85
N VAL B 78 -23.28 6.33 -11.73
CA VAL B 78 -22.66 6.08 -10.43
C VAL B 78 -22.80 7.33 -9.54
N TYR B 79 -22.38 8.49 -10.03
CA TYR B 79 -22.43 9.72 -9.24
C TYR B 79 -23.83 10.14 -8.83
N LYS B 80 -24.83 9.87 -9.70
CA LYS B 80 -26.21 10.23 -9.34
C LYS B 80 -26.62 9.47 -8.07
N GLU B 81 -26.20 8.19 -7.94
CA GLU B 81 -26.52 7.40 -6.74
C GLU B 81 -25.59 7.76 -5.56
N HIS B 82 -24.29 7.95 -5.86
CA HIS B 82 -23.27 8.26 -4.84
C HIS B 82 -23.51 9.59 -4.13
N PHE B 83 -23.95 10.64 -4.89
CA PHE B 83 -24.26 11.96 -4.31
C PHE B 83 -25.73 12.12 -4.00
N GLN B 84 -26.58 11.21 -4.55
CA GLN B 84 -28.04 11.26 -4.41
C GLN B 84 -28.48 12.62 -4.97
N ASP B 85 -27.83 13.01 -6.09
CA ASP B 85 -27.97 14.32 -6.71
C ASP B 85 -27.25 14.31 -8.06
N ASP B 86 -27.65 15.22 -8.95
CA ASP B 86 -27.06 15.37 -10.26
C ASP B 86 -26.08 16.55 -10.17
N VAL B 87 -24.79 16.23 -9.97
CA VAL B 87 -23.73 17.23 -9.85
C VAL B 87 -22.61 16.94 -10.86
N PHE B 88 -22.63 15.79 -11.49
CA PHE B 88 -21.62 15.39 -12.47
C PHE B 88 -21.55 16.30 -13.73
N ASN B 89 -20.33 16.75 -14.10
CA ASN B 89 -20.08 17.62 -15.26
C ASN B 89 -20.12 16.83 -16.59
N GLU B 90 -21.32 16.33 -16.94
CA GLU B 90 -21.52 15.59 -18.18
C GLU B 90 -21.11 16.46 -19.38
N LYS B 91 -21.51 17.76 -19.38
CA LYS B 91 -21.21 18.69 -20.48
C LYS B 91 -19.69 18.84 -20.69
N GLY B 92 -18.95 19.02 -19.60
CA GLY B 92 -17.50 19.18 -19.63
C GLY B 92 -16.78 17.98 -20.20
N TRP B 93 -17.19 16.78 -19.78
CA TRP B 93 -16.60 15.54 -20.28
C TRP B 93 -16.99 15.27 -21.74
N ASN B 94 -18.26 15.62 -22.10
CA ASN B 94 -18.71 15.51 -23.49
C ASN B 94 -17.89 16.41 -24.43
N TYR B 95 -17.53 17.63 -23.97
CA TYR B 95 -16.70 18.56 -24.74
C TYR B 95 -15.34 17.94 -25.09
N ILE B 96 -14.66 17.33 -24.10
CA ILE B 96 -13.37 16.66 -24.35
C ILE B 96 -13.55 15.53 -25.38
N LEU B 97 -14.60 14.74 -25.21
CA LEU B 97 -14.89 13.63 -26.12
C LEU B 97 -15.06 14.15 -27.57
N GLU B 98 -15.86 15.22 -27.74
CA GLU B 98 -16.19 15.75 -29.07
C GLU B 98 -15.08 16.59 -29.71
N LYS B 99 -14.45 17.50 -28.95
CA LYS B 99 -13.42 18.38 -29.46
C LYS B 99 -12.07 17.69 -29.64
N TYR B 100 -11.69 16.80 -28.71
CA TYR B 100 -10.36 16.19 -28.72
C TYR B 100 -10.32 14.67 -28.88
N ASP B 101 -11.44 14.04 -29.30
CA ASP B 101 -11.56 12.59 -29.44
C ASP B 101 -11.18 11.87 -28.11
N GLY B 102 -11.63 12.45 -27.01
CA GLY B 102 -11.41 11.92 -25.68
C GLY B 102 -9.98 11.97 -25.16
N HIS B 103 -9.09 12.76 -25.82
CA HIS B 103 -7.70 12.99 -25.40
C HIS B 103 -7.67 14.18 -24.44
N LEU B 104 -6.94 14.06 -23.32
CA LEU B 104 -6.91 15.11 -22.30
C LEU B 104 -6.18 16.37 -22.71
N PRO B 105 -6.88 17.53 -22.72
CA PRO B 105 -6.19 18.79 -23.05
C PRO B 105 -5.45 19.34 -21.81
N ILE B 106 -4.35 18.66 -21.48
CA ILE B 106 -3.50 18.95 -20.33
C ILE B 106 -2.05 19.00 -20.80
N GLU B 107 -1.22 19.85 -20.16
CA GLU B 107 0.23 19.86 -20.34
C GLU B 107 0.89 19.57 -18.97
N ILE B 108 1.80 18.60 -18.93
CA ILE B 108 2.55 18.24 -17.73
C ILE B 108 4.02 18.42 -18.07
N LYS B 109 4.74 19.19 -17.24
CA LYS B 109 6.18 19.40 -17.32
C LYS B 109 6.78 18.73 -16.09
N ALA B 110 7.89 18.02 -16.26
CA ALA B 110 8.46 17.28 -15.13
C ALA B 110 9.98 17.25 -15.18
N VAL B 111 10.60 17.09 -14.01
CA VAL B 111 12.05 16.91 -13.93
C VAL B 111 12.34 15.48 -14.47
N PRO B 112 13.52 15.22 -15.08
CA PRO B 112 13.74 13.88 -15.64
C PRO B 112 13.67 12.77 -14.58
N GLU B 113 13.12 11.64 -14.96
CA GLU B 113 13.04 10.51 -14.04
C GLU B 113 14.41 10.00 -13.64
N GLY B 114 14.50 9.63 -12.37
CA GLY B 114 15.75 9.21 -11.76
C GLY B 114 16.50 10.37 -11.13
N PHE B 115 16.10 11.64 -11.46
CA PHE B 115 16.76 12.81 -10.89
C PHE B 115 16.61 12.84 -9.37
N VAL B 116 17.69 13.27 -8.68
CA VAL B 116 17.76 13.32 -7.21
C VAL B 116 17.70 14.79 -6.82
N ILE B 117 16.58 15.20 -6.22
CA ILE B 117 16.31 16.61 -5.95
C ILE B 117 16.06 16.86 -4.49
N PRO B 118 16.60 17.97 -3.93
CA PRO B 118 16.32 18.30 -2.52
C PRO B 118 14.84 18.59 -2.32
N ARG B 119 14.40 18.36 -1.09
CA ARG B 119 13.03 18.61 -0.69
C ARG B 119 12.67 20.08 -0.94
N GLY B 120 11.39 20.31 -1.20
CA GLY B 120 10.86 21.65 -1.36
C GLY B 120 11.00 22.22 -2.75
N ASN B 121 11.26 21.37 -3.73
CA ASN B 121 11.39 21.82 -5.11
C ASN B 121 10.25 21.32 -5.98
N VAL B 122 9.87 22.12 -6.96
CA VAL B 122 8.89 21.70 -7.94
C VAL B 122 9.43 20.44 -8.66
N LEU B 123 8.60 19.38 -8.70
CA LEU B 123 8.96 18.15 -9.41
C LEU B 123 8.22 18.01 -10.76
N PHE B 124 6.95 18.41 -10.78
CA PHE B 124 6.13 18.45 -11.99
C PHE B 124 5.02 19.47 -11.86
N THR B 125 4.58 20.03 -12.99
CA THR B 125 3.49 21.00 -13.05
C THR B 125 2.46 20.46 -14.00
N VAL B 126 1.20 20.88 -13.80
CA VAL B 126 0.04 20.45 -14.60
C VAL B 126 -0.79 21.69 -14.90
N GLU B 127 -1.24 21.84 -16.16
CA GLU B 127 -2.15 22.93 -16.50
C GLU B 127 -3.04 22.49 -17.68
N ASN B 128 -4.23 23.05 -17.78
CA ASN B 128 -5.16 22.76 -18.87
C ASN B 128 -4.71 23.57 -20.10
N THR B 129 -4.86 22.98 -21.31
CA THR B 129 -4.47 23.65 -22.58
C THR B 129 -5.68 24.25 -23.32
N ASP B 130 -6.89 24.02 -22.80
CA ASP B 130 -8.15 24.58 -23.32
C ASP B 130 -8.84 25.32 -22.19
N PRO B 131 -9.25 26.61 -22.39
CA PRO B 131 -9.95 27.33 -21.30
C PRO B 131 -11.21 26.66 -20.77
N GLU B 132 -11.94 25.90 -21.60
CA GLU B 132 -13.14 25.18 -21.16
C GLU B 132 -12.80 24.07 -20.12
N CYS B 133 -11.54 23.62 -20.13
CA CYS B 133 -11.10 22.52 -19.28
C CYS B 133 -10.29 22.95 -18.08
N TYR B 134 -10.60 24.16 -17.55
CA TYR B 134 -9.96 24.71 -16.33
C TYR B 134 -10.08 23.71 -15.14
N TRP B 135 -11.19 22.95 -15.09
CA TRP B 135 -11.52 22.02 -14.00
C TRP B 135 -10.74 20.71 -14.09
N LEU B 136 -10.13 20.46 -15.25
CA LEU B 136 -9.46 19.19 -15.50
C LEU B 136 -8.16 19.11 -14.73
N THR B 137 -7.44 20.24 -14.56
CA THR B 137 -6.12 20.21 -13.88
C THR B 137 -6.16 19.44 -12.55
N ASN B 138 -7.09 19.82 -11.67
CA ASN B 138 -7.17 19.18 -10.38
C ASN B 138 -8.02 17.92 -10.33
N TRP B 139 -8.82 17.61 -11.39
CA TRP B 139 -9.53 16.33 -11.45
C TRP B 139 -8.51 15.19 -11.36
N ILE B 140 -7.39 15.30 -12.12
CA ILE B 140 -6.37 14.26 -12.16
C ILE B 140 -5.32 14.35 -11.03
N GLU B 141 -5.55 15.21 -10.01
CA GLU B 141 -4.63 15.31 -8.87
C GLU B 141 -4.49 13.93 -8.22
N THR B 142 -5.63 13.28 -7.91
CA THR B 142 -5.63 11.99 -7.21
C THR B 142 -4.75 10.96 -7.85
N ILE B 143 -4.89 10.77 -9.14
CA ILE B 143 -4.14 9.76 -9.87
C ILE B 143 -2.62 10.17 -9.97
N LEU B 144 -2.33 11.48 -10.11
CA LEU B 144 -0.95 11.94 -10.20
C LEU B 144 -0.25 11.95 -8.87
N VAL B 145 -0.97 12.26 -7.78
CA VAL B 145 -0.39 12.29 -6.42
C VAL B 145 0.06 10.92 -5.99
N GLN B 146 -0.51 9.84 -6.57
CA GLN B 146 -0.08 8.48 -6.31
C GLN B 146 1.38 8.24 -6.71
N SER B 147 2.00 9.23 -7.41
CA SER B 147 3.45 9.24 -7.72
C SER B 147 4.21 9.19 -6.40
N TRP B 148 3.60 9.65 -5.29
CA TRP B 148 4.29 9.66 -3.99
C TRP B 148 4.91 8.29 -3.70
N TYR B 149 4.20 7.20 -4.07
CA TYR B 149 4.60 5.86 -3.70
C TYR B 149 5.92 5.43 -4.37
N PRO B 150 6.04 5.41 -5.71
CA PRO B 150 7.34 5.05 -6.32
C PRO B 150 8.44 6.05 -5.95
N ILE B 151 8.09 7.32 -5.78
CA ILE B 151 9.11 8.30 -5.32
C ILE B 151 9.62 7.86 -3.95
N THR B 152 8.71 7.54 -3.02
CA THR B 152 9.09 7.21 -1.64
C THR B 152 9.83 5.88 -1.56
N VAL B 153 9.37 4.87 -2.28
CA VAL B 153 10.09 3.60 -2.28
C VAL B 153 11.53 3.81 -2.82
N ALA B 154 11.64 4.50 -3.99
CA ALA B 154 12.97 4.71 -4.59
C ALA B 154 13.90 5.51 -3.67
N THR B 155 13.38 6.54 -3.02
CA THR B 155 14.15 7.41 -2.12
C THR B 155 14.62 6.61 -0.89
N ASN B 156 13.67 5.91 -0.23
CA ASN B 156 14.00 5.10 0.95
C ASN B 156 14.98 3.96 0.60
N SER B 157 14.83 3.36 -0.58
CA SER B 157 15.74 2.29 -1.00
C SER B 157 17.13 2.88 -1.27
N ARG B 158 17.20 4.09 -1.85
CA ARG B 158 18.49 4.73 -2.13
C ARG B 158 19.19 5.17 -0.81
N GLU B 159 18.39 5.61 0.19
CA GLU B 159 18.95 5.97 1.49
C GLU B 159 19.58 4.73 2.16
N GLN B 160 18.97 3.55 1.99
CA GLN B 160 19.56 2.30 2.52
C GLN B 160 20.82 1.95 1.73
N LYS B 161 20.82 2.22 0.41
CA LYS B 161 22.04 1.98 -0.41
C LYS B 161 23.20 2.81 0.13
N LYS B 162 22.94 4.07 0.57
CA LYS B 162 24.00 4.95 1.12
C LYS B 162 24.64 4.37 2.38
N ILE B 163 23.82 3.81 3.27
CA ILE B 163 24.31 3.15 4.50
C ILE B 163 25.17 1.95 4.12
N LEU B 164 24.66 1.09 3.24
CA LEU B 164 25.41 -0.10 2.80
C LEU B 164 26.70 0.25 2.13
N ALA B 165 26.70 1.28 1.26
CA ALA B 165 27.91 1.70 0.55
C ALA B 165 28.98 2.21 1.55
N LYS B 166 28.57 3.05 2.52
CA LYS B 166 29.45 3.60 3.54
C LYS B 166 30.15 2.47 4.31
N TYR B 167 29.37 1.48 4.77
CA TYR B 167 29.92 0.40 5.59
C TYR B 167 30.69 -0.63 4.81
N LEU B 168 30.27 -0.90 3.57
CA LEU B 168 30.95 -1.84 2.71
C LEU B 168 32.30 -1.25 2.32
N LEU B 169 32.34 0.08 2.03
CA LEU B 169 33.60 0.76 1.70
C LEU B 169 34.54 0.72 2.90
N GLU B 170 34.03 1.04 4.10
CA GLU B 170 34.85 1.08 5.31
C GLU B 170 35.39 -0.28 5.72
N THR B 171 34.57 -1.33 5.63
CA THR B 171 35.00 -2.67 6.09
C THR B 171 35.71 -3.52 5.04
N SER B 172 35.60 -3.19 3.74
CA SER B 172 36.28 -3.90 2.64
C SER B 172 37.04 -2.85 1.79
N GLY B 173 37.77 -3.22 0.78
CA GLY B 173 38.35 -2.06 0.05
C GLY B 173 37.44 -1.30 -0.91
N ASN B 174 36.20 -1.78 -1.12
CA ASN B 174 35.41 -1.36 -2.26
C ASN B 174 33.90 -1.48 -2.09
N LEU B 175 33.17 -1.43 -3.22
CA LEU B 175 31.71 -1.52 -3.28
C LEU B 175 31.24 -2.75 -4.05
N ASP B 176 32.09 -3.78 -4.22
CA ASP B 176 31.70 -5.00 -4.94
C ASP B 176 30.46 -5.64 -4.30
N GLY B 177 29.48 -5.96 -5.14
CA GLY B 177 28.24 -6.63 -4.75
C GLY B 177 27.21 -5.73 -4.07
N LEU B 178 27.46 -4.43 -3.99
CA LEU B 178 26.55 -3.44 -3.38
C LEU B 178 25.13 -3.53 -3.96
N GLU B 179 25.01 -3.62 -5.31
CA GLU B 179 23.72 -3.69 -6.04
C GLU B 179 22.85 -4.91 -5.66
N TYR B 180 23.46 -5.90 -4.99
CA TYR B 180 22.76 -7.11 -4.60
C TYR B 180 22.59 -7.23 -3.10
N LYS B 181 23.04 -6.21 -2.33
CA LYS B 181 23.04 -6.30 -0.86
C LYS B 181 21.68 -6.09 -0.21
N LEU B 182 20.70 -5.54 -0.92
CA LEU B 182 19.36 -5.35 -0.34
C LEU B 182 18.34 -5.94 -1.30
N HIS B 183 17.79 -7.11 -0.94
CA HIS B 183 16.90 -7.88 -1.79
C HIS B 183 15.46 -7.65 -1.39
N ASP B 184 14.60 -7.42 -2.39
CA ASP B 184 13.19 -7.18 -2.15
C ASP B 184 12.47 -8.50 -1.84
N PHE B 185 11.93 -8.61 -0.60
CA PHE B 185 11.15 -9.76 -0.10
C PHE B 185 9.68 -9.34 0.09
N GLY B 186 9.30 -8.19 -0.48
CA GLY B 186 8.02 -7.54 -0.19
C GLY B 186 6.75 -7.91 -0.91
N TYR B 187 6.78 -8.95 -1.77
CA TYR B 187 5.62 -9.29 -2.56
C TYR B 187 4.38 -9.62 -1.70
N ARG B 188 4.52 -10.47 -0.68
CA ARG B 188 3.33 -10.82 0.10
C ARG B 188 2.83 -9.72 1.04
N GLY B 189 3.75 -8.83 1.45
CA GLY B 189 3.52 -7.79 2.43
C GLY B 189 2.95 -6.50 1.88
N VAL B 190 2.77 -6.38 0.54
CA VAL B 190 2.18 -5.15 -0.03
C VAL B 190 0.65 -5.29 -0.10
N SER B 191 -0.03 -4.19 -0.40
CA SER B 191 -1.47 -4.16 -0.37
C SER B 191 -2.19 -4.70 -1.63
N SER B 192 -1.46 -4.86 -2.75
CA SER B 192 -2.08 -5.35 -4.00
C SER B 192 -1.02 -5.76 -5.00
N GLN B 193 -1.48 -6.42 -6.07
CA GLN B 193 -0.63 -6.83 -7.18
C GLN B 193 -0.06 -5.58 -7.88
N GLU B 194 -0.91 -4.55 -8.07
CA GLU B 194 -0.42 -3.34 -8.74
C GLU B 194 0.68 -2.66 -7.93
N THR B 195 0.47 -2.53 -6.60
CA THR B 195 1.47 -1.95 -5.71
C THR B 195 2.76 -2.76 -5.75
N ALA B 196 2.67 -4.11 -5.75
CA ALA B 196 3.86 -4.96 -5.81
C ALA B 196 4.75 -4.60 -7.02
N GLY B 197 4.15 -4.49 -8.20
CA GLY B 197 4.90 -4.10 -9.41
C GLY B 197 5.51 -2.71 -9.32
N ILE B 198 4.73 -1.69 -8.89
CA ILE B 198 5.24 -0.32 -8.82
C ILE B 198 6.41 -0.25 -7.82
N GLY B 199 6.18 -0.76 -6.61
CA GLY B 199 7.17 -0.67 -5.55
C GLY B 199 8.43 -1.45 -5.89
N ALA B 200 8.26 -2.68 -6.42
CA ALA B 200 9.44 -3.48 -6.77
C ALA B 200 10.24 -2.76 -7.85
N SER B 201 9.56 -2.12 -8.83
CA SER B 201 10.29 -1.38 -9.85
C SER B 201 11.06 -0.20 -9.28
N ALA B 202 10.50 0.50 -8.25
CA ALA B 202 11.12 1.64 -7.61
C ALA B 202 12.40 1.20 -6.86
N HIS B 203 12.37 0.00 -6.23
CA HIS B 203 13.56 -0.53 -5.54
C HIS B 203 14.66 -0.85 -6.57
N LEU B 204 14.24 -1.31 -7.76
CA LEU B 204 15.17 -1.70 -8.85
C LEU B 204 15.85 -0.50 -9.48
N VAL B 205 15.40 0.71 -9.15
CA VAL B 205 16.12 1.92 -9.57
C VAL B 205 17.54 1.91 -8.90
N ASN B 206 17.64 1.35 -7.69
CA ASN B 206 18.88 1.37 -6.90
C ASN B 206 19.61 0.04 -6.80
N PHE B 207 18.86 -1.06 -6.81
CA PHE B 207 19.40 -2.41 -6.66
C PHE B 207 19.02 -3.33 -7.82
N LYS B 208 19.60 -4.54 -7.83
CA LYS B 208 19.38 -5.53 -8.88
C LYS B 208 18.82 -6.85 -8.38
N GLY B 209 18.56 -6.93 -7.07
CA GLY B 209 18.03 -8.14 -6.47
C GLY B 209 16.58 -8.00 -6.06
N THR B 210 15.73 -8.91 -6.54
CA THR B 210 14.29 -8.91 -6.20
C THR B 210 13.64 -10.28 -6.30
N ASP B 211 12.68 -10.53 -5.43
CA ASP B 211 11.84 -11.70 -5.49
C ASP B 211 10.42 -11.25 -5.89
N THR B 212 10.21 -9.93 -6.04
CA THR B 212 8.89 -9.41 -6.44
C THR B 212 8.83 -9.34 -7.97
N VAL B 213 8.55 -10.52 -8.56
CA VAL B 213 8.50 -10.80 -10.01
C VAL B 213 7.70 -9.74 -10.79
N ALA B 214 6.58 -9.25 -10.20
CA ALA B 214 5.72 -8.22 -10.82
C ALA B 214 6.51 -6.98 -11.31
N GLY B 215 7.63 -6.64 -10.65
CA GLY B 215 8.43 -5.47 -11.00
C GLY B 215 9.08 -5.58 -12.37
N LEU B 216 9.42 -6.81 -12.79
CA LEU B 216 10.09 -7.05 -14.08
C LEU B 216 9.21 -6.63 -15.26
N ALA B 217 7.95 -7.11 -15.32
CA ALA B 217 7.01 -6.84 -16.42
C ALA B 217 6.67 -5.36 -16.54
N LEU B 218 6.52 -4.68 -15.38
CA LEU B 218 6.27 -3.24 -15.37
C LEU B 218 7.45 -2.46 -16.01
N ILE B 219 8.69 -2.77 -15.62
CA ILE B 219 9.86 -2.09 -16.18
C ILE B 219 9.93 -2.35 -17.70
N LYS B 220 9.76 -3.61 -18.11
CA LYS B 220 9.78 -4.03 -19.54
C LYS B 220 8.73 -3.27 -20.38
N LYS B 221 7.50 -3.15 -19.88
CA LYS B 221 6.41 -2.48 -20.58
C LYS B 221 6.53 -0.95 -20.61
N TYR B 222 6.87 -0.31 -19.48
CA TYR B 222 6.83 1.15 -19.35
C TYR B 222 8.15 1.89 -19.43
N TYR B 223 9.29 1.22 -19.17
CA TYR B 223 10.57 1.90 -19.14
C TYR B 223 11.61 1.33 -20.12
N GLY B 224 11.88 0.03 -20.00
CA GLY B 224 12.81 -0.69 -20.84
C GLY B 224 14.25 -0.69 -20.36
N THR B 225 14.93 -1.84 -20.52
CA THR B 225 16.35 -1.99 -20.18
C THR B 225 17.10 -2.59 -21.37
N LYS B 226 18.41 -2.34 -21.45
CA LYS B 226 19.30 -2.92 -22.47
C LYS B 226 19.37 -4.43 -22.23
N ASP B 227 19.46 -4.80 -20.94
CA ASP B 227 19.49 -6.19 -20.48
C ASP B 227 18.11 -6.86 -20.56
N PRO B 228 18.04 -8.19 -20.77
CA PRO B 228 16.73 -8.87 -20.85
C PRO B 228 15.83 -8.65 -19.62
N VAL B 229 16.43 -8.61 -18.42
CA VAL B 229 15.70 -8.38 -17.15
C VAL B 229 16.39 -7.34 -16.27
N PRO B 230 15.61 -6.52 -15.52
CA PRO B 230 16.25 -5.52 -14.64
C PRO B 230 16.66 -6.08 -13.27
N GLY B 231 16.13 -7.24 -12.87
CA GLY B 231 16.42 -7.83 -11.58
C GLY B 231 16.62 -9.32 -11.60
N TYR B 232 17.37 -9.83 -10.60
CA TYR B 232 17.76 -11.22 -10.49
C TYR B 232 17.51 -11.86 -9.14
N SER B 233 17.46 -13.18 -9.12
CA SER B 233 17.32 -13.90 -7.85
C SER B 233 18.03 -15.22 -7.91
N VAL B 234 18.06 -15.88 -6.76
CA VAL B 234 18.69 -17.18 -6.61
C VAL B 234 17.69 -18.16 -5.97
N PRO B 235 17.92 -19.48 -6.10
CA PRO B 235 17.05 -20.44 -5.42
C PRO B 235 17.15 -20.23 -3.91
N ALA B 236 16.02 -20.37 -3.21
CA ALA B 236 15.97 -20.20 -1.76
C ALA B 236 14.89 -21.07 -1.18
N ALA B 237 15.08 -21.51 0.08
CA ALA B 237 14.08 -22.30 0.80
C ALA B 237 13.14 -21.39 1.56
N GLU B 238 12.01 -21.95 1.96
CA GLU B 238 11.07 -21.26 2.86
C GLU B 238 10.80 -22.25 3.97
N HIS B 239 10.08 -21.84 5.01
CA HIS B 239 9.83 -22.78 6.10
C HIS B 239 9.11 -24.03 5.65
N SER B 240 8.13 -23.93 4.71
CA SER B 240 7.40 -25.12 4.27
C SER B 240 8.32 -26.18 3.67
N THR B 241 9.37 -25.76 2.93
CA THR B 241 10.24 -26.76 2.28
C THR B 241 11.21 -27.41 3.25
N ILE B 242 11.43 -26.80 4.43
CA ILE B 242 12.26 -27.41 5.47
C ILE B 242 11.37 -28.26 6.35
N THR B 243 10.35 -27.63 6.96
CA THR B 243 9.47 -28.27 7.89
C THR B 243 8.69 -29.47 7.31
N ALA B 244 8.42 -29.49 5.97
CA ALA B 244 7.68 -30.61 5.33
C ALA B 244 8.38 -31.97 5.54
N TRP B 245 9.71 -31.94 5.79
CA TRP B 245 10.50 -33.15 6.04
C TRP B 245 10.29 -33.76 7.45
N GLY B 246 9.70 -32.97 8.35
CA GLY B 246 9.46 -33.39 9.72
C GLY B 246 10.53 -32.85 10.63
N LYS B 247 10.17 -32.54 11.89
CA LYS B 247 11.10 -31.94 12.87
C LYS B 247 12.42 -32.67 13.03
N ASP B 248 12.40 -34.03 13.03
CA ASP B 248 13.64 -34.80 13.21
C ASP B 248 14.48 -34.96 11.93
N HIS B 249 14.02 -34.39 10.80
CA HIS B 249 14.69 -34.51 9.51
C HIS B 249 15.14 -33.19 8.91
N GLU B 250 15.37 -32.19 9.74
CA GLU B 250 15.87 -30.90 9.25
C GLU B 250 17.22 -31.07 8.47
N LYS B 251 18.15 -31.92 8.98
CA LYS B 251 19.41 -32.19 8.26
C LYS B 251 19.13 -32.75 6.84
N ASP B 252 18.16 -33.69 6.70
CA ASP B 252 17.83 -34.32 5.41
C ASP B 252 17.33 -33.27 4.41
N ALA B 253 16.50 -32.32 4.90
CA ALA B 253 15.97 -31.22 4.09
C ALA B 253 17.13 -30.38 3.56
N PHE B 254 18.03 -29.92 4.46
CA PHE B 254 19.19 -29.11 4.13
C PHE B 254 20.09 -29.82 3.10
N GLU B 255 20.43 -31.10 3.35
CA GLU B 255 21.27 -31.90 2.47
C GLU B 255 20.64 -31.99 1.03
N HIS B 256 19.32 -32.26 0.95
CA HIS B 256 18.57 -32.37 -0.31
C HIS B 256 18.60 -31.04 -1.06
N ILE B 257 18.33 -29.93 -0.35
CA ILE B 257 18.29 -28.61 -0.99
C ILE B 257 19.65 -28.17 -1.54
N VAL B 258 20.73 -28.30 -0.76
CA VAL B 258 22.04 -27.88 -1.21
C VAL B 258 22.56 -28.80 -2.32
N THR B 259 22.19 -30.07 -2.33
CA THR B 259 22.62 -31.01 -3.40
C THR B 259 21.84 -30.68 -4.71
N GLN B 260 20.54 -30.31 -4.59
CA GLN B 260 19.71 -29.90 -5.74
C GLN B 260 20.24 -28.62 -6.40
N PHE B 261 20.76 -27.69 -5.61
CA PHE B 261 21.31 -26.43 -6.10
C PHE B 261 22.80 -26.35 -5.80
N SER B 262 23.54 -27.37 -6.26
CA SER B 262 24.97 -27.49 -5.97
C SER B 262 25.88 -26.50 -6.70
N SER B 263 25.44 -25.95 -7.84
CA SER B 263 26.29 -25.07 -8.67
C SER B 263 25.77 -23.64 -8.85
N VAL B 264 24.78 -23.23 -8.03
CA VAL B 264 24.25 -21.86 -8.06
C VAL B 264 24.22 -21.37 -6.59
N PRO B 265 24.17 -20.05 -6.26
CA PRO B 265 24.06 -19.68 -4.83
C PRO B 265 22.72 -20.20 -4.32
N VAL B 266 22.65 -20.61 -3.05
CA VAL B 266 21.39 -21.14 -2.51
C VAL B 266 21.18 -20.57 -1.12
N SER B 267 20.01 -19.98 -0.91
CA SER B 267 19.67 -19.42 0.38
C SER B 267 18.84 -20.48 1.15
N VAL B 268 19.19 -20.76 2.39
CA VAL B 268 18.49 -21.80 3.17
C VAL B 268 18.08 -21.28 4.53
N VAL B 269 16.77 -21.13 4.74
CA VAL B 269 16.23 -20.68 6.01
C VAL B 269 16.57 -21.73 7.10
N SER B 270 17.25 -21.27 8.15
CA SER B 270 17.83 -22.19 9.14
C SER B 270 17.27 -22.07 10.54
N ASP B 271 16.20 -21.30 10.74
CA ASP B 271 15.68 -21.05 12.08
C ASP B 271 14.36 -21.78 12.40
N SER B 272 13.93 -22.74 11.54
CA SER B 272 12.66 -23.47 11.76
C SER B 272 12.50 -23.97 13.20
N TYR B 273 13.60 -24.45 13.82
CA TYR B 273 13.52 -24.98 15.18
C TYR B 273 14.58 -24.38 16.09
N ASP B 274 15.84 -24.30 15.64
CA ASP B 274 16.90 -23.73 16.47
C ASP B 274 18.00 -23.27 15.56
N ILE B 275 18.01 -21.96 15.25
CA ILE B 275 19.03 -21.37 14.35
C ILE B 275 20.46 -21.68 14.79
N TYR B 276 20.71 -21.60 16.08
CA TYR B 276 22.08 -21.77 16.60
C TYR B 276 22.56 -23.21 16.45
N ASN B 277 21.68 -24.18 16.70
CA ASN B 277 21.97 -25.61 16.49
C ASN B 277 22.16 -25.88 15.01
N ALA B 278 21.29 -25.30 14.14
CA ALA B 278 21.43 -25.51 12.70
C ALA B 278 22.83 -25.04 12.23
N CYS B 279 23.30 -23.86 12.69
CA CYS B 279 24.59 -23.33 12.26
C CYS B 279 25.74 -24.13 12.84
N GLU B 280 25.68 -24.44 14.13
CA GLU B 280 26.82 -25.11 14.78
C GLU B 280 26.93 -26.59 14.48
N LYS B 281 25.82 -27.31 14.60
CA LYS B 281 25.79 -28.77 14.45
C LYS B 281 25.44 -29.27 13.06
N ILE B 282 24.40 -28.71 12.43
CA ILE B 282 24.02 -29.21 11.10
C ILE B 282 24.96 -28.69 10.03
N TRP B 283 24.97 -27.36 9.79
CA TRP B 283 25.89 -26.80 8.78
C TRP B 283 27.36 -26.93 9.18
N GLY B 284 27.65 -26.66 10.45
CA GLY B 284 29.02 -26.63 10.95
C GLY B 284 29.66 -27.97 11.19
N GLU B 285 28.86 -29.04 11.31
CA GLU B 285 29.41 -30.37 11.57
C GLU B 285 28.90 -31.41 10.61
N ASP B 286 27.61 -31.81 10.73
CA ASP B 286 27.01 -32.87 9.91
C ASP B 286 27.13 -32.69 8.41
N LEU B 287 26.86 -31.48 7.90
CA LEU B 287 26.86 -31.19 6.47
C LEU B 287 28.02 -30.31 5.99
N ARG B 288 29.00 -30.03 6.87
CA ARG B 288 30.16 -29.17 6.59
C ARG B 288 30.90 -29.57 5.32
N HIS B 289 30.99 -30.90 5.03
CA HIS B 289 31.66 -31.44 3.83
C HIS B 289 30.98 -31.04 2.53
N LEU B 290 29.67 -30.77 2.58
CA LEU B 290 28.87 -30.36 1.41
C LEU B 290 28.96 -28.84 1.16
N ILE B 291 29.41 -28.09 2.17
CA ILE B 291 29.52 -26.65 2.11
C ILE B 291 30.92 -26.20 1.67
N VAL B 292 31.97 -26.77 2.32
CA VAL B 292 33.36 -26.40 2.06
C VAL B 292 33.79 -26.78 0.63
N SER B 293 33.00 -27.61 -0.06
CA SER B 293 33.26 -28.07 -1.43
C SER B 293 32.64 -27.16 -2.49
N ARG B 294 31.81 -26.15 -2.08
CA ARG B 294 31.14 -25.25 -3.01
C ARG B 294 32.03 -24.22 -3.63
N SER B 295 31.64 -23.79 -4.82
CA SER B 295 32.30 -22.78 -5.62
C SER B 295 32.04 -21.39 -5.00
N THR B 296 32.93 -20.44 -5.29
CA THR B 296 32.82 -19.05 -4.90
C THR B 296 31.58 -18.40 -5.59
N GLN B 297 31.17 -18.95 -6.77
CA GLN B 297 29.99 -18.44 -7.49
C GLN B 297 28.71 -19.15 -7.01
N ALA B 298 28.85 -20.15 -6.12
CA ALA B 298 27.69 -20.89 -5.62
C ALA B 298 27.71 -21.05 -4.09
N PRO B 299 27.76 -19.93 -3.32
CA PRO B 299 27.83 -20.08 -1.87
C PRO B 299 26.51 -20.53 -1.26
N LEU B 300 26.62 -21.10 -0.07
CA LEU B 300 25.44 -21.38 0.74
C LEU B 300 25.21 -20.03 1.45
N ILE B 301 23.98 -19.59 1.47
CA ILE B 301 23.62 -18.36 2.15
C ILE B 301 22.67 -18.80 3.29
N ILE B 302 23.14 -18.71 4.52
CA ILE B 302 22.35 -19.10 5.68
C ILE B 302 21.40 -17.97 6.01
N ARG B 303 20.10 -18.30 6.19
CA ARG B 303 19.08 -17.32 6.50
C ARG B 303 18.46 -17.47 7.89
N PRO B 304 18.89 -16.66 8.88
CA PRO B 304 18.11 -16.62 10.14
C PRO B 304 16.81 -15.86 9.85
N ASP B 305 15.74 -16.06 10.63
CA ASP B 305 14.48 -15.35 10.30
C ASP B 305 13.67 -15.02 11.55
N SER B 306 14.31 -14.98 12.71
CA SER B 306 13.61 -14.69 13.98
C SER B 306 14.61 -14.22 15.04
N GLY B 307 14.08 -13.67 16.14
CA GLY B 307 14.93 -13.18 17.20
C GLY B 307 15.35 -11.73 16.96
N ASN B 308 16.12 -11.17 17.88
CA ASN B 308 16.59 -9.80 17.75
C ASN B 308 17.52 -9.78 16.52
N PRO B 309 17.22 -8.95 15.49
CA PRO B 309 18.02 -9.00 14.24
C PRO B 309 19.53 -8.83 14.42
N LEU B 310 19.97 -7.83 15.21
CA LEU B 310 21.40 -7.65 15.43
C LEU B 310 22.01 -8.80 16.26
N ASP B 311 21.37 -9.16 17.40
CA ASP B 311 21.89 -10.21 18.29
C ASP B 311 22.00 -11.52 17.54
N THR B 312 20.97 -11.84 16.73
CA THR B 312 20.95 -13.07 15.96
C THR B 312 22.08 -13.06 14.91
N VAL B 313 22.23 -11.96 14.14
CA VAL B 313 23.29 -11.87 13.14
C VAL B 313 24.68 -12.06 13.79
N LEU B 314 24.96 -11.34 14.90
CA LEU B 314 26.26 -11.48 15.57
C LEU B 314 26.52 -12.88 16.09
N LYS B 315 25.50 -13.52 16.64
CA LYS B 315 25.68 -14.87 17.20
C LYS B 315 25.89 -15.89 16.09
N VAL B 316 25.13 -15.74 14.98
CA VAL B 316 25.30 -16.62 13.84
C VAL B 316 26.75 -16.49 13.28
N LEU B 317 27.24 -15.25 13.16
CA LEU B 317 28.60 -15.03 12.65
C LEU B 317 29.66 -15.62 13.57
N GLU B 318 29.46 -15.47 14.91
CA GLU B 318 30.40 -16.04 15.88
C GLU B 318 30.44 -17.56 15.74
N ILE B 319 29.28 -18.19 15.64
CA ILE B 319 29.18 -19.65 15.47
C ILE B 319 29.90 -20.08 14.19
N LEU B 320 29.58 -19.44 13.05
CA LEU B 320 30.19 -19.81 11.78
C LEU B 320 31.68 -19.60 11.77
N GLY B 321 32.13 -18.53 12.43
CA GLY B 321 33.54 -18.18 12.56
C GLY B 321 34.35 -19.23 13.29
N LYS B 322 33.70 -20.00 14.17
CA LYS B 322 34.39 -21.05 14.93
C LYS B 322 34.36 -22.40 14.21
N LYS B 323 33.43 -22.58 13.27
CA LYS B 323 33.30 -23.83 12.52
C LYS B 323 33.96 -23.80 11.17
N PHE B 324 34.10 -22.59 10.60
CA PHE B 324 34.65 -22.44 9.26
C PHE B 324 35.90 -21.56 9.25
N PRO B 325 36.77 -21.72 8.21
CA PRO B 325 38.01 -20.90 8.17
C PRO B 325 37.74 -19.41 7.90
N VAL B 326 38.06 -18.57 8.86
CA VAL B 326 37.87 -17.12 8.73
C VAL B 326 39.19 -16.49 8.32
N THR B 327 39.13 -15.47 7.46
CA THR B 327 40.30 -14.70 7.06
C THR B 327 40.13 -13.27 7.56
N GLU B 328 41.20 -12.49 7.46
CA GLU B 328 41.17 -11.09 7.82
C GLU B 328 41.48 -10.33 6.53
N ASN B 329 40.56 -9.43 6.14
CA ASN B 329 40.59 -8.51 4.98
C ASN B 329 41.78 -7.62 5.06
N SER B 330 42.05 -6.87 3.97
CA SER B 330 43.13 -5.85 4.00
C SER B 330 42.77 -4.68 4.93
N LYS B 331 41.48 -4.55 5.31
CA LYS B 331 41.04 -3.49 6.20
C LYS B 331 41.03 -3.94 7.68
N GLY B 332 41.35 -5.20 7.91
CA GLY B 332 41.41 -5.77 9.26
C GLY B 332 40.09 -6.35 9.72
N TYR B 333 39.14 -6.57 8.79
CA TYR B 333 37.82 -7.13 9.16
C TYR B 333 37.75 -8.60 8.83
N LYS B 334 37.03 -9.33 9.68
CA LYS B 334 36.85 -10.76 9.51
C LYS B 334 35.96 -11.10 8.33
N LEU B 335 36.37 -12.14 7.60
CA LEU B 335 35.66 -12.58 6.42
C LEU B 335 35.48 -14.09 6.41
N LEU B 336 34.23 -14.53 6.22
CA LEU B 336 33.89 -15.94 6.10
C LEU B 336 34.51 -16.49 4.81
N PRO B 337 34.64 -17.81 4.64
CA PRO B 337 35.13 -18.32 3.35
C PRO B 337 34.14 -17.99 2.22
N PRO B 338 34.61 -17.90 0.94
CA PRO B 338 33.72 -17.41 -0.12
C PRO B 338 32.51 -18.30 -0.48
N TYR B 339 32.44 -19.54 0.03
CA TYR B 339 31.31 -20.46 -0.18
C TYR B 339 30.23 -20.32 0.92
N LEU B 340 30.42 -19.36 1.83
CA LEU B 340 29.52 -19.17 2.95
C LEU B 340 29.20 -17.72 3.20
N ARG B 341 27.89 -17.39 3.24
CA ARG B 341 27.41 -16.04 3.50
C ARG B 341 26.15 -16.10 4.33
N VAL B 342 25.67 -14.93 4.81
CA VAL B 342 24.44 -14.87 5.64
C VAL B 342 23.50 -13.83 5.01
N ILE B 343 22.18 -14.05 5.11
CA ILE B 343 21.18 -13.05 4.70
C ILE B 343 20.22 -12.85 5.89
N GLN B 344 20.08 -11.61 6.34
CA GLN B 344 19.12 -11.29 7.41
C GLN B 344 17.90 -10.73 6.67
N GLY B 345 16.81 -11.49 6.68
CA GLY B 345 15.58 -11.13 6.00
C GLY B 345 14.35 -10.99 6.87
N ASP B 346 14.55 -10.80 8.20
CA ASP B 346 13.45 -10.57 9.15
C ASP B 346 13.66 -9.22 9.85
N GLY B 347 12.60 -8.43 9.96
CA GLY B 347 12.60 -7.14 10.65
C GLY B 347 13.54 -6.08 10.11
N VAL B 348 13.86 -6.15 8.80
CA VAL B 348 14.79 -5.17 8.21
C VAL B 348 14.03 -3.96 7.65
N ASP B 349 14.41 -2.79 8.13
CA ASP B 349 13.98 -1.50 7.61
C ASP B 349 15.20 -0.61 7.68
N ILE B 350 15.09 0.66 7.28
CA ILE B 350 16.28 1.52 7.26
C ILE B 350 16.97 1.65 8.67
N ASN B 351 16.17 1.62 9.76
CA ASN B 351 16.72 1.72 11.11
C ASN B 351 17.46 0.49 11.56
N THR B 352 16.88 -0.71 11.35
CA THR B 352 17.55 -1.93 11.77
C THR B 352 18.74 -2.26 10.84
N LEU B 353 18.65 -1.89 9.55
CA LEU B 353 19.79 -2.13 8.63
C LEU B 353 21.02 -1.38 9.18
N GLN B 354 20.82 -0.12 9.56
CA GLN B 354 21.87 0.73 10.14
C GLN B 354 22.42 0.12 11.45
N GLU B 355 21.53 -0.33 12.33
CA GLU B 355 21.95 -0.95 13.61
C GLU B 355 22.80 -2.21 13.35
N ILE B 356 22.41 -3.03 12.37
CA ILE B 356 23.10 -4.27 12.08
C ILE B 356 24.48 -4.00 11.53
N VAL B 357 24.59 -3.11 10.50
CA VAL B 357 25.93 -2.91 9.92
C VAL B 357 26.90 -2.25 10.93
N GLU B 358 26.39 -1.36 11.78
CA GLU B 358 27.22 -0.73 12.80
C GLU B 358 27.68 -1.76 13.86
N GLY B 359 26.76 -2.66 14.24
CA GLY B 359 27.03 -3.72 15.21
C GLY B 359 28.04 -4.72 14.70
N MET B 360 27.96 -5.04 13.40
CA MET B 360 28.93 -5.92 12.74
C MET B 360 30.30 -5.25 12.69
N LYS B 361 30.35 -3.95 12.28
CA LYS B 361 31.60 -3.18 12.21
C LYS B 361 32.28 -3.16 13.58
N GLN B 362 31.51 -2.89 14.67
CA GLN B 362 32.04 -2.85 16.05
C GLN B 362 32.60 -4.22 16.47
N LYS B 363 32.03 -5.34 15.96
CA LYS B 363 32.56 -6.68 16.29
C LYS B 363 33.59 -7.18 15.25
N MET B 364 34.07 -6.27 14.39
CA MET B 364 35.10 -6.47 13.36
C MET B 364 34.72 -7.50 12.26
N TRP B 365 33.44 -7.56 11.88
CA TRP B 365 32.95 -8.40 10.79
C TRP B 365 32.76 -7.52 9.56
N SER B 366 33.31 -7.96 8.41
CA SER B 366 33.15 -7.22 7.16
C SER B 366 31.68 -7.26 6.72
N ILE B 367 31.20 -6.16 6.10
CA ILE B 367 29.85 -6.13 5.54
C ILE B 367 29.80 -7.04 4.29
N GLU B 368 30.97 -7.51 3.76
CA GLU B 368 30.85 -8.42 2.62
C GLU B 368 30.24 -9.79 3.07
N ASN B 369 30.20 -10.07 4.39
CA ASN B 369 29.63 -11.31 4.88
C ASN B 369 28.11 -11.41 4.81
N ILE B 370 27.45 -10.24 4.77
CA ILE B 370 26.00 -10.14 4.91
C ILE B 370 25.28 -9.55 3.71
N ALA B 371 24.03 -9.95 3.56
CA ALA B 371 23.07 -9.38 2.62
C ALA B 371 21.80 -9.19 3.46
N PHE B 372 20.90 -8.34 2.97
CA PHE B 372 19.64 -8.09 3.65
C PHE B 372 18.47 -8.35 2.71
N GLY B 373 17.38 -8.87 3.27
CA GLY B 373 16.10 -9.04 2.57
C GLY B 373 15.12 -8.17 3.32
N SER B 374 14.32 -7.37 2.59
CA SER B 374 13.39 -6.47 3.30
C SER B 374 12.06 -6.55 2.58
N GLY B 375 10.98 -6.69 3.35
CA GLY B 375 9.65 -6.82 2.77
C GLY B 375 8.83 -5.58 3.00
N GLY B 376 7.99 -5.63 4.03
CA GLY B 376 7.16 -4.51 4.45
C GLY B 376 7.97 -3.25 4.68
N GLY B 377 9.17 -3.38 5.25
CA GLY B 377 10.04 -2.23 5.49
C GLY B 377 10.42 -1.46 4.24
N LEU B 378 10.55 -2.18 3.13
CA LEU B 378 10.96 -1.64 1.84
C LEU B 378 9.78 -1.13 1.04
N LEU B 379 8.67 -1.91 0.99
CA LEU B 379 7.56 -1.60 0.08
C LEU B 379 6.24 -1.16 0.70
N GLN B 380 5.99 -1.47 1.99
CA GLN B 380 4.66 -1.19 2.54
C GLN B 380 4.61 -0.17 3.68
N LYS B 381 5.62 -0.18 4.56
CA LYS B 381 5.67 0.71 5.73
C LYS B 381 6.14 2.12 5.32
N LEU B 382 5.37 2.74 4.45
CA LEU B 382 5.65 4.07 3.89
C LEU B 382 4.34 4.78 3.65
N THR B 383 4.31 6.09 3.88
CA THR B 383 3.10 6.88 3.66
C THR B 383 3.48 8.17 2.95
N ARG B 384 2.46 8.87 2.45
CA ARG B 384 2.66 10.11 1.74
C ARG B 384 3.27 11.21 2.63
N ASP B 385 3.15 11.06 3.98
CA ASP B 385 3.67 12.03 4.95
C ASP B 385 5.18 11.96 5.14
N LEU B 386 5.82 10.82 4.76
CA LEU B 386 7.25 10.62 4.93
C LEU B 386 8.03 11.73 4.21
N LEU B 387 7.70 12.00 2.94
CA LEU B 387 8.36 13.06 2.17
C LEU B 387 7.45 14.27 1.96
N ASN B 388 6.23 14.25 2.57
CA ASN B 388 5.25 15.34 2.44
C ASN B 388 4.95 15.65 0.96
N CYS B 389 4.69 14.61 0.19
CA CYS B 389 4.34 14.70 -1.23
C CYS B 389 3.03 15.41 -1.36
N SER B 390 3.00 16.54 -2.08
CA SER B 390 1.78 17.34 -2.12
C SER B 390 1.55 17.95 -3.49
N PHE B 391 0.27 18.10 -3.87
CA PHE B 391 -0.15 18.71 -5.14
C PHE B 391 -1.01 19.89 -4.84
N LYS B 392 -0.61 21.09 -5.31
CA LYS B 392 -1.36 22.32 -5.02
C LYS B 392 -1.45 23.25 -6.23
N CYS B 393 -2.55 24.01 -6.28
CA CYS B 393 -2.76 25.04 -7.30
C CYS B 393 -1.94 26.26 -6.89
N SER B 394 -1.11 26.76 -7.81
CA SER B 394 -0.28 27.93 -7.55
C SER B 394 -0.59 29.11 -8.49
N TYR B 395 -1.37 28.89 -9.55
CA TYR B 395 -1.64 29.96 -10.53
C TYR B 395 -2.94 29.72 -11.23
N VAL B 396 -3.74 30.77 -11.36
CA VAL B 396 -5.02 30.72 -12.09
C VAL B 396 -5.15 31.95 -12.95
N VAL B 397 -5.94 31.85 -14.01
CA VAL B 397 -6.25 33.01 -14.86
C VAL B 397 -7.77 33.09 -14.82
N THR B 398 -8.27 34.23 -14.33
CA THR B 398 -9.69 34.54 -14.21
C THR B 398 -9.91 35.94 -14.81
N ASN B 399 -10.90 36.05 -15.70
CA ASN B 399 -11.21 37.28 -16.44
C ASN B 399 -9.98 37.77 -17.23
N GLY B 400 -9.19 36.82 -17.72
CA GLY B 400 -7.97 37.08 -18.48
C GLY B 400 -6.80 37.61 -17.68
N LEU B 401 -6.90 37.61 -16.33
CA LEU B 401 -5.81 38.11 -15.47
C LEU B 401 -5.28 36.98 -14.61
N GLY B 402 -3.97 36.77 -14.72
CA GLY B 402 -3.26 35.74 -13.98
C GLY B 402 -3.03 36.18 -12.55
N ILE B 403 -3.35 35.30 -11.57
CA ILE B 403 -3.13 35.61 -10.16
C ILE B 403 -2.36 34.47 -9.50
N ASN B 404 -1.43 34.83 -8.61
CA ASN B 404 -0.57 33.89 -7.86
C ASN B 404 -1.37 33.42 -6.65
N VAL B 405 -1.65 32.11 -6.60
CA VAL B 405 -2.53 31.41 -5.65
C VAL B 405 -1.70 30.54 -4.68
N PHE B 406 -2.11 30.44 -3.41
CA PHE B 406 -1.37 29.63 -2.43
C PHE B 406 -2.20 29.47 -1.17
N LYS B 407 -1.84 28.49 -0.37
CA LYS B 407 -2.41 28.32 0.98
C LYS B 407 -1.28 28.65 1.97
N ASP B 408 -1.66 29.15 3.16
CA ASP B 408 -0.69 29.54 4.18
C ASP B 408 -1.35 29.39 5.55
N PRO B 409 -1.63 28.14 6.03
CA PRO B 409 -2.38 27.99 7.30
C PRO B 409 -1.67 28.59 8.52
N VAL B 410 -2.41 29.36 9.33
CA VAL B 410 -1.84 30.06 10.50
C VAL B 410 -1.06 29.14 11.47
N ALA B 411 -1.60 27.94 11.74
CA ALA B 411 -1.04 27.01 12.71
C ALA B 411 0.03 26.10 12.18
N ASP B 412 0.28 26.12 10.86
CA ASP B 412 1.30 25.22 10.33
C ASP B 412 2.05 25.86 9.16
N PRO B 413 3.15 26.59 9.43
CA PRO B 413 3.93 27.20 8.32
C PRO B 413 4.53 26.18 7.35
N ASN B 414 4.66 24.91 7.77
CA ASN B 414 5.17 23.82 6.92
C ASN B 414 4.20 23.52 5.76
N LYS B 415 2.89 23.84 5.93
CA LYS B 415 1.86 23.58 4.90
C LYS B 415 1.69 24.71 3.88
N ARG B 416 2.50 25.77 4.03
CA ARG B 416 2.45 26.88 3.08
C ARG B 416 2.90 26.38 1.71
N SER B 417 2.17 26.80 0.66
CA SER B 417 2.47 26.35 -0.70
C SER B 417 3.09 27.47 -1.54
N LYS B 418 3.68 27.10 -2.70
CA LYS B 418 4.37 28.03 -3.59
C LYS B 418 3.39 28.91 -4.38
N LYS B 419 3.86 30.11 -4.80
CA LYS B 419 3.01 31.07 -5.52
C LYS B 419 3.41 31.24 -6.97
N GLY B 420 2.39 31.25 -7.84
CA GLY B 420 2.52 31.51 -9.26
C GLY B 420 3.12 30.44 -10.11
N ARG B 421 3.56 30.84 -11.31
CA ARG B 421 4.19 29.98 -12.28
C ARG B 421 5.57 29.61 -11.77
N LEU B 422 5.87 28.32 -11.82
CA LEU B 422 7.12 27.78 -11.27
C LEU B 422 8.09 27.26 -12.29
N SER B 423 9.36 27.25 -11.92
CA SER B 423 10.41 26.70 -12.76
C SER B 423 11.57 26.23 -11.86
N LEU B 424 12.26 25.18 -12.29
CA LEU B 424 13.36 24.56 -11.55
C LEU B 424 14.67 24.95 -12.23
N HIS B 425 15.63 25.46 -11.45
CA HIS B 425 16.90 25.93 -12.00
C HIS B 425 18.09 25.45 -11.24
N ARG B 426 19.26 25.61 -11.88
CA ARG B 426 20.54 25.32 -11.28
C ARG B 426 21.04 26.65 -10.75
N THR B 427 21.56 26.66 -9.54
CA THR B 427 22.09 27.89 -8.93
C THR B 427 23.54 28.11 -9.45
N PRO B 428 24.19 29.29 -9.23
CA PRO B 428 25.59 29.45 -9.67
C PRO B 428 26.52 28.35 -9.10
N ALA B 429 26.21 27.82 -7.88
CA ALA B 429 27.00 26.75 -7.25
C ALA B 429 26.61 25.34 -7.71
N GLY B 430 25.68 25.25 -8.67
CA GLY B 430 25.23 23.98 -9.23
C GLY B 430 24.20 23.25 -8.39
N ASN B 431 23.57 23.93 -7.40
CA ASN B 431 22.52 23.28 -6.56
C ASN B 431 21.17 23.55 -7.24
N PHE B 432 20.04 23.26 -6.57
CA PHE B 432 18.74 23.50 -7.18
C PHE B 432 17.98 24.62 -6.52
N VAL B 433 17.19 25.35 -7.32
CA VAL B 433 16.29 26.37 -6.81
C VAL B 433 14.97 26.36 -7.59
N THR B 434 13.85 26.50 -6.88
CA THR B 434 12.55 26.62 -7.55
C THR B 434 12.20 28.10 -7.55
N LEU B 435 12.05 28.71 -8.73
CA LEU B 435 11.68 30.12 -8.83
C LEU B 435 10.18 30.24 -8.90
N GLU B 436 9.61 31.15 -8.13
CA GLU B 436 8.17 31.34 -8.03
C GLU B 436 7.76 32.59 -8.79
N GLU B 437 6.43 32.82 -8.88
CA GLU B 437 5.83 34.04 -9.48
C GLU B 437 6.32 34.35 -10.89
N GLY B 438 6.59 33.30 -11.66
CA GLY B 438 7.07 33.40 -13.04
C GLY B 438 8.45 34.03 -13.19
N LYS B 439 9.21 34.17 -12.06
CA LYS B 439 10.55 34.79 -12.03
C LYS B 439 11.57 34.09 -12.92
N GLY B 440 11.32 32.83 -13.28
CA GLY B 440 12.16 32.09 -14.23
C GLY B 440 12.20 32.76 -15.61
N ASP B 441 11.16 33.59 -15.93
CA ASP B 441 11.05 34.36 -17.19
C ASP B 441 12.16 35.39 -17.33
N LEU B 442 12.67 35.88 -16.20
CA LEU B 442 13.85 36.75 -16.16
C LEU B 442 14.98 35.75 -16.43
N GLU B 443 15.95 36.08 -17.27
CA GLU B 443 16.96 35.08 -17.61
C GLU B 443 18.13 35.01 -16.61
N GLU B 444 17.84 35.23 -15.30
CA GLU B 444 18.83 35.29 -14.23
C GLU B 444 19.44 33.97 -13.84
N TYR B 445 18.66 32.87 -13.93
CA TYR B 445 19.11 31.55 -13.51
C TYR B 445 19.19 30.56 -14.67
N GLY B 446 19.23 31.07 -15.89
CA GLY B 446 19.29 30.25 -17.08
C GLY B 446 17.99 29.52 -17.39
N GLN B 447 18.13 28.33 -17.97
CA GLN B 447 17.04 27.48 -18.45
C GLN B 447 16.30 26.63 -17.38
N ASP B 448 14.98 26.52 -17.54
CA ASP B 448 14.13 25.68 -16.70
C ASP B 448 14.52 24.20 -16.92
N LEU B 449 14.64 23.44 -15.83
CA LEU B 449 15.00 22.00 -15.80
C LEU B 449 13.80 21.05 -16.02
N LEU B 450 12.57 21.58 -15.90
CA LEU B 450 11.40 20.76 -16.17
C LEU B 450 11.23 20.68 -17.69
N HIS B 451 10.81 19.52 -18.20
CA HIS B 451 10.54 19.28 -19.62
C HIS B 451 9.09 18.85 -19.80
N THR B 452 8.46 19.18 -20.94
CA THR B 452 7.09 18.71 -21.23
C THR B 452 7.17 17.20 -21.47
N VAL B 453 6.44 16.44 -20.67
CA VAL B 453 6.40 14.97 -20.74
C VAL B 453 5.05 14.52 -21.26
N PHE B 454 4.05 15.39 -21.18
CA PHE B 454 2.71 15.03 -21.66
C PHE B 454 2.04 16.27 -22.18
N LYS B 455 1.38 16.15 -23.34
CA LYS B 455 0.62 17.26 -23.88
C LYS B 455 -0.49 16.72 -24.78
N ASN B 456 -1.71 17.13 -24.49
CA ASN B 456 -2.90 16.81 -25.29
C ASN B 456 -3.06 15.33 -25.62
N GLY B 457 -2.94 14.49 -24.60
CA GLY B 457 -3.13 13.06 -24.77
C GLY B 457 -1.93 12.27 -25.22
N LYS B 458 -0.79 12.92 -25.41
CA LYS B 458 0.42 12.25 -25.86
C LYS B 458 1.58 12.37 -24.88
N VAL B 459 2.36 11.30 -24.75
CA VAL B 459 3.59 11.34 -23.94
C VAL B 459 4.63 11.91 -24.91
N THR B 460 5.22 13.06 -24.55
CA THR B 460 6.14 13.84 -25.40
C THR B 460 7.60 13.66 -25.09
N LYS B 461 7.92 13.06 -23.93
CA LYS B 461 9.30 12.81 -23.51
C LYS B 461 9.29 11.64 -22.55
N SER B 462 10.16 10.65 -22.78
CA SER B 462 10.22 9.46 -21.97
C SER B 462 11.67 9.04 -21.69
N TYR B 463 11.86 8.16 -20.69
CA TYR B 463 13.19 7.76 -20.25
C TYR B 463 13.26 6.25 -20.14
N SER B 464 14.44 5.66 -20.47
CA SER B 464 14.60 4.23 -20.30
C SER B 464 14.91 3.98 -18.82
N PHE B 465 14.72 2.75 -18.36
CA PHE B 465 15.08 2.38 -16.99
C PHE B 465 16.59 2.49 -16.78
N ASP B 466 17.41 2.31 -17.85
CA ASP B 466 18.85 2.48 -17.73
C ASP B 466 19.23 3.95 -17.47
N GLU B 467 18.53 4.91 -18.10
CA GLU B 467 18.76 6.35 -17.91
C GLU B 467 18.39 6.75 -16.47
N ILE B 468 17.26 6.24 -15.99
CA ILE B 468 16.76 6.47 -14.62
C ILE B 468 17.81 6.01 -13.58
N ARG B 469 18.34 4.78 -13.74
CA ARG B 469 19.36 4.23 -12.87
C ARG B 469 20.60 5.10 -12.87
N LYS B 470 21.04 5.54 -14.06
CA LYS B 470 22.22 6.41 -14.14
C LYS B 470 21.98 7.73 -13.38
N ASN B 471 20.79 8.33 -13.55
CA ASN B 471 20.45 9.58 -12.89
C ASN B 471 20.41 9.44 -11.35
N ALA B 472 20.03 8.26 -10.87
CA ALA B 472 19.84 7.96 -9.43
C ALA B 472 21.07 7.46 -8.71
N GLN B 473 22.20 7.40 -9.41
CA GLN B 473 23.45 6.88 -8.82
C GLN B 473 23.93 7.67 -7.62
N LEU B 474 24.62 7.00 -6.69
CA LEU B 474 25.18 7.70 -5.53
C LEU B 474 26.46 8.41 -6.00
N ASN B 475 26.86 9.50 -5.36
CA ASN B 475 28.12 10.19 -5.71
C ASN B 475 29.33 9.22 -5.60
N ILE B 476 29.36 8.42 -4.49
CA ILE B 476 30.37 7.43 -4.10
C ILE B 476 30.67 6.41 -5.22
#